data_8QG0
#
_entry.id   8QG0
#
_cell.length_a   1.00
_cell.length_b   1.00
_cell.length_c   1.00
_cell.angle_alpha   90.00
_cell.angle_beta   90.00
_cell.angle_gamma   90.00
#
_symmetry.space_group_name_H-M   'P 1'
#
loop_
_entity.id
_entity.type
_entity.pdbx_description
1 polymer 'Piwi protein'
2 polymer 'AfAgo-N protein'
3 polymer 'DNA target 17 nt'
4 polymer 'RNA guide 17 nt'
#
loop_
_entity_poly.entity_id
_entity_poly.type
_entity_poly.pdbx_seq_one_letter_code
_entity_poly.pdbx_strand_id
1 'polypeptide(L)'
;MMEYKIVENGLTYRIGNGASVPISNTGELIKGLRNYGPYEVPSLKYNQIALIHNNQFSSLINQLKSQISSKIDEVWHIHN
INISEFIYDSPHFDSIKSQVDNAIDTGVDGIMLVLPEYNTPLYYKLKSYLINSIPSQFMRYDILSNRNLTFYVDNLLVQF
VSKLGGKPWILNVDPEKGSDIIIGTGATRIDNVNLFCFAMVFKKDGTMLWNEISPIVTSSEYLTYLKSTIKKVVYGFKKS
NPDWDVEKLTLHVSGKRPKMKDGETKILKETVEELKKQEMVSRDVKYAILHLNETHPFWVMGDPNNRFHPYEGTKVKLSS
KRYLLTLLQPYLKRNGLEMVTPIKPLSVEIVSDNWTSEEYYHNVHEILDEIYYLSKMNWRGFRSRNLPVTVNYPKLVAGI
IANVNRYGGYPINPEGNRSLQTNPWFL
;
A
2 'polypeptide(L)'
;MGGSHHHHHHGMASENLYFQGGGGEIPLSSGNVNTPDVRSSGILYINIYPIVNYPETIKVSAIPYYEEFLPGKWKKRIGD
LIYLYGYGIENEFDEIDNSNALFGKIFRKYLLDILSENIATPWQLKELGSTLRLVKEITENYEFSNIIKLQYELIINVHH
WQNTNFGIIVDLKINILDRENNQRISYTKIKDKYGESVKKKIWVSVQAFHRHLTPEGKKYATAMRDKFNLLTGLLKEAFG
SSEDEKTFSTPDGEIKIVFKPLEIVEVSNNDGI
;
B
3 'polydeoxyribonucleotide' (DA)(DT)(DT)(DC)(DG)(DG)(DC)(DC)(DG)(DT)(DG)(DT)(DA)(DC)(DA)(DA)(DT) P
4 'polyribonucleotide' AUUGUACACGGCCGAAU Q
#
loop_
_chem_comp.id
_chem_comp.type
_chem_comp.name
_chem_comp.formula
A RNA linking ADENOSINE-5'-MONOPHOSPHATE 'C10 H14 N5 O7 P'
C RNA linking CYTIDINE-5'-MONOPHOSPHATE 'C9 H14 N3 O8 P'
DA DNA linking 2'-DEOXYADENOSINE-5'-MONOPHOSPHATE 'C10 H14 N5 O6 P'
DC DNA linking 2'-DEOXYCYTIDINE-5'-MONOPHOSPHATE 'C9 H14 N3 O7 P'
DG DNA linking 2'-DEOXYGUANOSINE-5'-MONOPHOSPHATE 'C10 H14 N5 O7 P'
DT DNA linking THYMIDINE-5'-MONOPHOSPHATE 'C10 H15 N2 O8 P'
G RNA linking GUANOSINE-5'-MONOPHOSPHATE 'C10 H14 N5 O8 P'
U RNA linking URIDINE-5'-MONOPHOSPHATE 'C9 H13 N2 O9 P'
#
# COMPACT_ATOMS: atom_id res chain seq x y z
N MET A 1 5.37 -23.67 -5.26
CA MET A 1 5.17 -24.61 -4.16
C MET A 1 5.45 -23.95 -2.81
N MET A 2 5.18 -22.65 -2.75
CA MET A 2 5.36 -21.89 -1.52
C MET A 2 4.29 -22.28 -0.51
N GLU A 3 4.40 -21.72 0.70
CA GLU A 3 3.47 -22.03 1.78
C GLU A 3 3.05 -20.77 2.49
N TYR A 4 1.75 -20.62 2.72
CA TYR A 4 1.20 -19.43 3.34
C TYR A 4 0.67 -19.74 4.73
N LYS A 5 0.84 -18.79 5.65
CA LYS A 5 0.40 -18.91 7.03
C LYS A 5 -0.48 -17.72 7.39
N ILE A 6 -1.45 -17.97 8.28
CA ILE A 6 -2.47 -16.99 8.64
C ILE A 6 -2.30 -16.63 10.11
N VAL A 7 -2.35 -15.33 10.40
CA VAL A 7 -2.36 -14.89 11.80
C VAL A 7 -3.61 -15.42 12.49
N GLU A 8 -3.43 -15.92 13.71
CA GLU A 8 -4.55 -16.46 14.47
C GLU A 8 -5.60 -15.38 14.68
N ASN A 9 -6.87 -15.78 14.65
CA ASN A 9 -7.97 -14.84 14.69
C ASN A 9 -7.91 -13.99 15.95
N GLY A 10 -8.07 -12.68 15.78
CA GLY A 10 -8.01 -11.74 16.88
C GLY A 10 -8.00 -10.30 16.42
N LEU A 11 -7.12 -9.50 17.02
CA LEU A 11 -6.99 -8.07 16.68
C LEU A 11 -8.31 -7.32 16.86
N THR A 12 -9.06 -7.67 17.90
CA THR A 12 -10.33 -6.97 18.16
C THR A 12 -10.07 -5.53 18.55
N TYR A 13 -10.90 -4.63 18.02
CA TYR A 13 -10.74 -3.21 18.33
C TYR A 13 -11.07 -2.93 19.79
N ARG A 14 -10.27 -2.08 20.41
CA ARG A 14 -10.52 -1.58 21.75
C ARG A 14 -10.74 -0.08 21.69
N ILE A 15 -11.81 0.39 22.31
CA ILE A 15 -12.19 1.80 22.25
C ILE A 15 -12.39 2.35 23.65
N GLY A 16 -11.70 1.77 24.62
CA GLY A 16 -11.82 2.22 25.99
C GLY A 16 -13.04 1.66 26.69
N ASN A 17 -12.99 1.68 28.02
CA ASN A 17 -14.05 1.12 28.86
C ASN A 17 -14.30 -0.35 28.55
N GLY A 18 -13.27 -1.05 28.06
CA GLY A 18 -13.43 -2.40 27.57
C GLY A 18 -14.12 -2.41 26.21
N ALA A 19 -13.84 -3.42 25.40
CA ALA A 19 -14.46 -3.50 24.08
C ALA A 19 -14.39 -4.93 23.57
N SER A 20 -15.26 -5.21 22.59
CA SER A 20 -15.22 -6.46 21.84
C SER A 20 -15.48 -6.20 20.36
N VAL A 21 -15.12 -5.01 19.89
CA VAL A 21 -15.43 -4.61 18.51
C VAL A 21 -14.56 -5.41 17.55
N PRO A 22 -15.14 -6.11 16.58
CA PRO A 22 -14.32 -6.81 15.58
C PRO A 22 -13.70 -5.86 14.57
N ILE A 23 -13.03 -6.40 13.56
CA ILE A 23 -12.42 -5.60 12.51
C ILE A 23 -13.09 -5.92 11.19
N SER A 24 -12.83 -5.05 10.21
CA SER A 24 -13.41 -5.16 8.87
C SER A 24 -14.93 -5.17 8.92
N ASN A 25 -15.50 -4.54 9.94
CA ASN A 25 -16.96 -4.44 10.11
C ASN A 25 -17.25 -3.01 10.56
N THR A 26 -17.46 -2.11 9.60
CA THR A 26 -17.73 -0.71 9.93
C THR A 26 -19.05 -0.57 10.68
N GLY A 27 -20.07 -1.34 10.29
CA GLY A 27 -21.33 -1.29 11.02
C GLY A 27 -21.17 -1.66 12.47
N GLU A 28 -20.44 -2.75 12.75
CA GLU A 28 -20.20 -3.15 14.12
C GLU A 28 -19.35 -2.13 14.86
N LEU A 29 -18.34 -1.55 14.20
CA LEU A 29 -17.49 -0.56 14.85
C LEU A 29 -18.29 0.68 15.25
N ILE A 30 -19.15 1.16 14.35
CA ILE A 30 -19.94 2.34 14.68
C ILE A 30 -21.03 2.01 15.70
N LYS A 31 -21.56 0.78 15.68
CA LYS A 31 -22.49 0.38 16.73
C LYS A 31 -21.80 0.39 18.09
N GLY A 32 -20.57 -0.12 18.15
CA GLY A 32 -19.80 -0.02 19.38
C GLY A 32 -19.51 1.41 19.78
N LEU A 33 -19.18 2.26 18.81
CA LEU A 33 -18.91 3.66 19.12
C LEU A 33 -20.13 4.35 19.71
N ARG A 34 -21.31 4.09 19.14
CA ARG A 34 -22.53 4.64 19.71
C ARG A 34 -22.78 4.08 21.10
N ASN A 35 -22.58 2.78 21.29
CA ASN A 35 -22.78 2.17 22.60
C ASN A 35 -21.66 2.55 23.57
N TYR A 36 -20.42 2.50 23.10
CA TYR A 36 -19.24 2.73 23.93
C TYR A 36 -18.43 3.85 23.29
N GLY A 37 -18.05 4.85 24.08
CA GLY A 37 -17.34 5.99 23.57
C GLY A 37 -16.00 5.63 22.95
N PRO A 38 -15.31 6.61 22.38
CA PRO A 38 -13.98 6.35 21.80
C PRO A 38 -12.95 6.05 22.87
N TYR A 39 -11.72 5.71 22.45
CA TYR A 39 -10.68 5.34 23.40
C TYR A 39 -10.42 6.45 24.41
N GLU A 40 -9.92 7.59 23.93
CA GLU A 40 -9.69 8.76 24.76
C GLU A 40 -10.65 9.85 24.27
N VAL A 41 -11.68 10.13 25.06
CA VAL A 41 -12.68 11.13 24.69
C VAL A 41 -12.01 12.51 24.71
N PRO A 42 -11.99 13.21 23.59
CA PRO A 42 -11.21 14.46 23.49
C PRO A 42 -11.99 15.70 23.92
N SER A 43 -12.46 15.69 25.17
CA SER A 43 -13.10 16.87 25.74
C SER A 43 -12.09 17.98 25.95
N LEU A 44 -12.48 19.21 25.65
CA LEU A 44 -11.55 20.33 25.76
C LEU A 44 -12.16 21.47 26.57
N LYS A 45 -11.46 22.61 26.61
CA LYS A 45 -11.94 23.75 27.40
C LYS A 45 -13.26 24.29 26.86
N TYR A 46 -13.39 24.38 25.55
CA TYR A 46 -14.54 24.99 24.89
C TYR A 46 -15.38 23.90 24.26
N ASN A 47 -16.37 23.41 24.99
CA ASN A 47 -17.25 22.34 24.50
C ASN A 47 -18.21 22.93 23.46
N GLN A 48 -17.64 23.27 22.30
CA GLN A 48 -18.39 23.92 21.24
C GLN A 48 -17.62 23.75 19.95
N ILE A 49 -18.24 23.17 18.93
CA ILE A 49 -17.63 22.98 17.62
C ILE A 49 -18.37 23.82 16.60
N ALA A 50 -17.64 24.47 15.72
CA ALA A 50 -18.22 25.31 14.68
C ALA A 50 -18.21 24.59 13.35
N LEU A 51 -19.14 24.99 12.47
CA LEU A 51 -19.18 24.54 11.08
C LEU A 51 -19.17 25.78 10.22
N ILE A 52 -18.11 25.95 9.43
CA ILE A 52 -17.88 27.18 8.67
C ILE A 52 -18.04 26.86 7.19
N HIS A 53 -18.91 27.61 6.51
CA HIS A 53 -19.24 27.33 5.12
C HIS A 53 -19.75 28.60 4.46
N ASN A 54 -20.31 28.42 3.26
CA ASN A 54 -20.78 29.53 2.43
C ASN A 54 -22.28 29.48 2.21
N ASN A 55 -22.90 28.31 2.34
CA ASN A 55 -24.31 28.16 2.05
C ASN A 55 -25.16 28.92 3.05
N GLN A 56 -26.38 29.27 2.63
CA GLN A 56 -27.31 29.98 3.49
C GLN A 56 -28.68 29.31 3.41
N PHE A 57 -29.12 28.73 4.52
CA PHE A 57 -30.41 28.05 4.65
C PHE A 57 -30.55 26.89 3.67
N SER A 58 -29.45 26.37 3.15
CA SER A 58 -29.52 25.19 2.30
C SER A 58 -29.93 23.99 3.13
N SER A 59 -30.86 23.20 2.61
CA SER A 59 -31.34 22.04 3.36
C SER A 59 -30.23 21.02 3.56
N LEU A 60 -29.29 20.94 2.62
CA LEU A 60 -28.22 19.95 2.75
C LEU A 60 -27.30 20.26 3.93
N ILE A 61 -26.91 21.52 4.09
CA ILE A 61 -26.08 21.91 5.23
C ILE A 61 -26.84 21.73 6.54
N ASN A 62 -28.15 22.02 6.53
CA ASN A 62 -28.94 21.80 7.74
C ASN A 62 -28.99 20.34 8.13
N GLN A 63 -29.19 19.45 7.15
CA GLN A 63 -29.15 18.02 7.44
C GLN A 63 -27.76 17.59 7.91
N LEU A 64 -26.72 18.18 7.32
CA LEU A 64 -25.36 17.91 7.76
C LEU A 64 -25.18 18.26 9.23
N LYS A 65 -25.63 19.45 9.63
CA LYS A 65 -25.47 19.89 11.01
C LYS A 65 -26.30 19.02 11.96
N SER A 66 -27.53 18.65 11.54
CA SER A 66 -28.35 17.80 12.38
C SER A 66 -27.69 16.44 12.58
N GLN A 67 -27.15 15.86 11.51
CA GLN A 67 -26.45 14.58 11.63
C GLN A 67 -25.21 14.71 12.51
N ILE A 68 -24.45 15.80 12.35
CA ILE A 68 -23.27 16.01 13.18
C ILE A 68 -23.66 16.05 14.65
N SER A 69 -24.72 16.79 14.97
CA SER A 69 -25.17 16.86 16.36
C SER A 69 -25.58 15.49 16.87
N SER A 70 -26.48 14.82 16.14
CA SER A 70 -27.03 13.56 16.60
C SER A 70 -25.99 12.45 16.67
N LYS A 71 -24.85 12.61 16.00
CA LYS A 71 -23.81 11.60 16.03
C LYS A 71 -22.72 11.92 17.04
N ILE A 72 -22.12 13.10 16.96
CA ILE A 72 -21.07 13.47 17.90
C ILE A 72 -21.61 13.55 19.32
N ASP A 73 -22.92 13.74 19.47
CA ASP A 73 -23.49 13.74 20.82
C ASP A 73 -23.80 12.32 21.31
N GLU A 74 -23.84 11.34 20.40
CA GLU A 74 -24.27 9.99 20.75
C GLU A 74 -23.29 8.91 20.33
N VAL A 75 -22.44 9.19 19.34
CA VAL A 75 -21.54 8.15 18.83
C VAL A 75 -20.10 8.43 19.24
N TRP A 76 -19.75 9.71 19.41
CA TRP A 76 -18.39 10.10 19.78
C TRP A 76 -18.33 10.78 21.13
N HIS A 77 -19.47 10.93 21.81
CA HIS A 77 -19.55 11.27 23.23
C HIS A 77 -18.77 12.52 23.60
N ILE A 78 -18.66 13.47 22.68
CA ILE A 78 -18.13 14.80 23.03
C ILE A 78 -19.34 15.64 23.44
N HIS A 79 -19.72 15.49 24.70
CA HIS A 79 -21.00 15.99 25.17
C HIS A 79 -20.91 17.48 25.51
N ASN A 80 -22.04 18.02 26.00
CA ASN A 80 -22.19 19.42 26.38
C ASN A 80 -21.78 20.37 25.26
N ILE A 81 -22.11 20.03 24.02
CA ILE A 81 -21.57 20.70 22.85
C ILE A 81 -22.72 21.11 21.94
N ASN A 82 -22.48 22.12 21.11
CA ASN A 82 -23.41 22.58 20.10
C ASN A 82 -22.65 23.01 18.87
N ILE A 83 -23.33 23.02 17.73
CA ILE A 83 -22.72 23.35 16.44
C ILE A 83 -23.13 24.76 16.05
N SER A 84 -22.13 25.60 15.78
CA SER A 84 -22.35 26.99 15.40
C SER A 84 -21.94 27.18 13.95
N GLU A 85 -22.68 28.03 13.24
CA GLU A 85 -22.40 28.28 11.84
C GLU A 85 -21.71 29.63 11.65
N PHE A 86 -20.71 29.65 10.79
CA PHE A 86 -20.00 30.88 10.42
C PHE A 86 -19.97 30.97 8.90
N ILE A 87 -20.19 32.17 8.38
CA ILE A 87 -20.36 32.38 6.94
C ILE A 87 -19.31 33.37 6.46
N TYR A 88 -18.56 32.99 5.44
CA TYR A 88 -17.54 33.85 4.86
C TYR A 88 -18.00 34.58 3.60
N ASP A 89 -18.91 33.99 2.83
CA ASP A 89 -19.61 34.62 1.70
C ASP A 89 -18.69 35.03 0.56
N SER A 90 -17.43 34.60 0.55
CA SER A 90 -16.53 34.91 -0.55
C SER A 90 -15.48 33.82 -0.70
N PRO A 91 -15.54 33.02 -1.76
CA PRO A 91 -14.66 31.84 -1.86
C PRO A 91 -13.17 32.16 -1.81
N HIS A 92 -12.77 33.42 -1.88
CA HIS A 92 -11.36 33.77 -1.72
C HIS A 92 -10.88 33.36 -0.34
N PHE A 93 -9.64 32.84 -0.29
CA PHE A 93 -9.13 32.26 0.96
C PHE A 93 -9.01 33.30 2.07
N ASP A 94 -8.75 34.57 1.72
CA ASP A 94 -8.64 35.60 2.75
C ASP A 94 -9.95 35.80 3.49
N SER A 95 -11.07 35.79 2.76
CA SER A 95 -12.37 35.94 3.41
C SER A 95 -12.68 34.74 4.30
N ILE A 96 -12.35 33.54 3.84
CA ILE A 96 -12.58 32.35 4.65
C ILE A 96 -11.75 32.39 5.92
N LYS A 97 -10.48 32.82 5.81
CA LYS A 97 -9.63 32.93 6.98
C LYS A 97 -10.15 33.99 7.94
N SER A 98 -10.63 35.11 7.41
CA SER A 98 -11.22 36.14 8.27
C SER A 98 -12.45 35.60 9.00
N GLN A 99 -13.26 34.79 8.32
CA GLN A 99 -14.42 34.21 8.97
C GLN A 99 -14.02 33.22 10.05
N VAL A 100 -13.06 32.33 9.76
CA VAL A 100 -12.63 31.37 10.77
C VAL A 100 -11.91 32.06 11.92
N ASP A 101 -11.42 33.28 11.71
CA ASP A 101 -10.89 34.05 12.84
C ASP A 101 -11.97 34.34 13.86
N ASN A 102 -13.22 34.53 13.42
CA ASN A 102 -14.32 34.70 14.37
C ASN A 102 -14.51 33.45 15.24
N ALA A 103 -14.46 32.27 14.62
CA ALA A 103 -14.56 31.04 15.37
C ALA A 103 -13.39 30.87 16.33
N ILE A 104 -12.19 31.25 15.88
CA ILE A 104 -11.02 31.19 16.76
C ILE A 104 -11.19 32.11 17.96
N ASP A 105 -11.67 33.34 17.72
CA ASP A 105 -11.88 34.28 18.82
C ASP A 105 -12.95 33.78 19.77
N THR A 106 -14.00 33.16 19.25
CA THR A 106 -14.98 32.52 20.12
C THR A 106 -14.34 31.40 20.92
N GLY A 107 -13.38 30.68 20.33
CA GLY A 107 -12.66 29.66 21.02
C GLY A 107 -13.11 28.23 20.74
N VAL A 108 -14.00 28.04 19.76
CA VAL A 108 -14.51 26.70 19.46
C VAL A 108 -13.34 25.77 19.16
N ASP A 109 -13.40 24.56 19.73
CA ASP A 109 -12.29 23.62 19.58
C ASP A 109 -12.38 22.77 18.33
N GLY A 110 -13.46 22.88 17.55
CA GLY A 110 -13.59 22.09 16.34
C GLY A 110 -14.23 22.85 15.20
N ILE A 111 -13.56 22.90 14.06
CA ILE A 111 -14.04 23.62 12.88
C ILE A 111 -14.16 22.63 11.74
N MET A 112 -15.40 22.32 11.35
CA MET A 112 -15.67 21.40 10.25
C MET A 112 -15.99 22.18 8.98
N LEU A 113 -14.98 22.91 8.50
CA LEU A 113 -15.19 23.85 7.42
C LEU A 113 -15.61 23.13 6.14
N VAL A 114 -16.45 23.81 5.35
CA VAL A 114 -16.95 23.28 4.08
C VAL A 114 -16.49 24.20 2.97
N LEU A 115 -15.65 23.69 2.08
CA LEU A 115 -15.24 24.44 0.90
C LEU A 115 -16.31 24.33 -0.19
N PRO A 116 -16.37 25.31 -1.10
CA PRO A 116 -17.38 25.24 -2.16
C PRO A 116 -17.03 24.30 -3.30
N GLU A 117 -15.74 24.22 -3.64
CA GLU A 117 -15.31 23.54 -4.86
C GLU A 117 -14.17 22.59 -4.55
N TYR A 118 -13.72 21.88 -5.58
CA TYR A 118 -12.47 21.13 -5.53
C TYR A 118 -11.33 22.07 -5.85
N ASN A 119 -10.80 22.76 -4.82
CA ASN A 119 -9.82 23.81 -5.04
C ASN A 119 -8.58 23.46 -4.21
N THR A 120 -7.61 22.81 -4.86
CA THR A 120 -6.41 22.35 -4.15
C THR A 120 -5.61 23.48 -3.49
N PRO A 121 -5.24 24.56 -4.18
CA PRO A 121 -4.36 25.56 -3.54
C PRO A 121 -4.97 26.17 -2.30
N LEU A 122 -6.20 26.67 -2.38
CA LEU A 122 -6.84 27.24 -1.21
C LEU A 122 -7.05 26.20 -0.13
N TYR A 123 -7.42 24.97 -0.51
CA TYR A 123 -7.65 23.91 0.47
C TYR A 123 -6.40 23.70 1.31
N TYR A 124 -5.25 23.47 0.67
CA TYR A 124 -4.05 23.19 1.46
C TYR A 124 -3.53 24.44 2.16
N LYS A 125 -3.59 25.60 1.49
CA LYS A 125 -3.10 26.84 2.09
C LYS A 125 -3.88 27.20 3.35
N LEU A 126 -5.16 26.84 3.40
CA LEU A 126 -5.93 27.10 4.61
C LEU A 126 -5.88 25.94 5.58
N LYS A 127 -5.63 24.71 5.11
CA LYS A 127 -5.49 23.59 6.03
C LYS A 127 -4.24 23.74 6.88
N SER A 128 -3.16 24.29 6.31
CA SER A 128 -1.98 24.55 7.12
C SER A 128 -2.33 25.45 8.30
N TYR A 129 -2.99 26.58 8.02
CA TYR A 129 -3.33 27.54 9.07
C TYR A 129 -4.30 26.95 10.08
N LEU A 130 -5.32 26.23 9.61
CA LEU A 130 -6.36 25.75 10.49
C LEU A 130 -6.04 24.38 11.07
N ILE A 131 -4.85 23.85 10.81
CA ILE A 131 -4.38 22.64 11.46
C ILE A 131 -3.23 22.92 12.43
N ASN A 132 -2.38 23.93 12.18
CA ASN A 132 -1.32 24.21 13.14
C ASN A 132 -1.81 24.93 14.39
N SER A 133 -3.10 25.28 14.44
CA SER A 133 -3.67 25.97 15.60
C SER A 133 -4.76 25.16 16.29
N ILE A 134 -5.77 24.72 15.55
CA ILE A 134 -6.94 24.05 16.13
C ILE A 134 -7.22 22.77 15.38
N PRO A 135 -7.72 21.74 16.07
CA PRO A 135 -8.27 20.59 15.36
C PRO A 135 -9.39 21.04 14.44
N SER A 136 -9.41 20.47 13.24
CA SER A 136 -10.36 20.90 12.22
C SER A 136 -10.55 19.77 11.21
N GLN A 137 -11.36 20.04 10.19
CA GLN A 137 -11.54 19.09 9.10
C GLN A 137 -12.03 19.87 7.88
N PHE A 138 -11.12 20.17 6.95
CA PHE A 138 -11.50 20.79 5.70
C PHE A 138 -12.23 19.78 4.81
N MET A 139 -13.37 20.19 4.28
CA MET A 139 -14.13 19.40 3.31
C MET A 139 -14.76 20.34 2.29
N ARG A 140 -15.34 19.76 1.24
CA ARG A 140 -15.78 20.55 0.10
C ARG A 140 -17.20 20.19 -0.28
N TYR A 141 -17.89 21.13 -0.92
CA TYR A 141 -19.33 21.03 -1.12
C TYR A 141 -19.69 20.21 -2.35
N ASP A 142 -18.84 20.26 -3.39
CA ASP A 142 -19.14 19.57 -4.64
C ASP A 142 -19.37 18.08 -4.40
N ILE A 143 -18.42 17.42 -3.73
CA ILE A 143 -18.56 16.00 -3.43
C ILE A 143 -19.53 15.77 -2.28
N LEU A 144 -19.78 16.78 -1.45
CA LEU A 144 -20.80 16.67 -0.42
C LEU A 144 -22.19 16.48 -1.02
N SER A 145 -22.48 17.21 -2.09
CA SER A 145 -23.82 17.15 -2.68
C SER A 145 -24.15 15.77 -3.22
N ASN A 146 -23.15 15.08 -3.79
CA ASN A 146 -23.44 13.90 -4.60
C ASN A 146 -23.84 12.70 -3.76
N ARG A 147 -22.92 12.21 -2.92
CA ARG A 147 -23.18 10.94 -2.24
C ARG A 147 -23.85 11.12 -0.89
N ASN A 148 -24.37 10.02 -0.37
CA ASN A 148 -25.16 10.02 0.85
C ASN A 148 -24.34 10.55 2.02
N LEU A 149 -24.97 11.37 2.87
CA LEU A 149 -24.26 11.98 3.98
C LEU A 149 -24.19 11.11 5.22
N THR A 150 -24.93 10.01 5.29
CA THR A 150 -24.72 9.08 6.39
C THR A 150 -23.30 8.50 6.34
N PHE A 151 -23.00 7.75 5.27
CA PHE A 151 -21.69 7.16 5.10
C PHE A 151 -20.61 8.22 4.96
N TYR A 152 -20.99 9.44 4.57
CA TYR A 152 -20.03 10.53 4.46
C TYR A 152 -19.64 11.07 5.82
N VAL A 153 -20.63 11.57 6.57
CA VAL A 153 -20.35 12.19 7.85
C VAL A 153 -19.88 11.19 8.90
N ASP A 154 -20.16 9.90 8.75
CA ASP A 154 -19.62 8.94 9.71
C ASP A 154 -18.10 8.96 9.70
N ASN A 155 -17.49 8.79 8.53
CA ASN A 155 -16.04 8.88 8.44
C ASN A 155 -15.55 10.30 8.68
N LEU A 156 -16.34 11.29 8.25
CA LEU A 156 -16.01 12.68 8.54
C LEU A 156 -15.75 12.87 10.02
N LEU A 157 -16.68 12.40 10.86
CA LEU A 157 -16.59 12.57 12.30
C LEU A 157 -15.59 11.62 12.96
N VAL A 158 -15.31 10.46 12.37
CA VAL A 158 -14.19 9.65 12.87
C VAL A 158 -12.89 10.42 12.72
N GLN A 159 -12.65 10.97 11.53
CA GLN A 159 -11.46 11.79 11.34
C GLN A 159 -11.48 13.01 12.25
N PHE A 160 -12.66 13.56 12.49
CA PHE A 160 -12.79 14.74 13.35
C PHE A 160 -12.41 14.41 14.79
N VAL A 161 -13.00 13.34 15.35
CA VAL A 161 -12.70 12.96 16.73
C VAL A 161 -11.24 12.56 16.87
N SER A 162 -10.65 11.95 15.82
CA SER A 162 -9.23 11.69 15.86
C SER A 162 -8.44 12.98 15.92
N LYS A 163 -8.82 13.98 15.12
CA LYS A 163 -8.08 15.23 15.09
C LYS A 163 -8.24 16.04 16.36
N LEU A 164 -9.26 15.75 17.18
CA LEU A 164 -9.53 16.50 18.39
C LEU A 164 -8.58 16.15 19.54
N GLY A 165 -7.50 15.44 19.25
CA GLY A 165 -6.56 15.03 20.26
C GLY A 165 -6.87 13.70 20.91
N GLY A 166 -8.06 13.15 20.69
CA GLY A 166 -8.44 11.88 21.24
C GLY A 166 -8.01 10.72 20.35
N LYS A 167 -8.51 9.55 20.68
CA LYS A 167 -8.22 8.36 19.89
C LYS A 167 -9.52 7.61 19.61
N PRO A 168 -9.87 7.42 18.33
CA PRO A 168 -11.12 6.69 18.04
C PRO A 168 -11.08 5.24 18.45
N TRP A 169 -9.95 4.56 18.25
CA TRP A 169 -9.87 3.13 18.55
C TRP A 169 -8.41 2.75 18.77
N ILE A 170 -8.23 1.64 19.47
CA ILE A 170 -6.91 1.06 19.68
C ILE A 170 -7.07 -0.46 19.52
N LEU A 171 -5.96 -1.11 19.18
CA LEU A 171 -6.00 -2.53 18.80
C LEU A 171 -5.45 -3.41 19.90
N ASN A 172 -5.96 -4.64 19.94
CA ASN A 172 -5.56 -5.61 20.95
C ASN A 172 -4.31 -6.36 20.49
N VAL A 173 -3.19 -5.62 20.50
CA VAL A 173 -1.87 -6.16 20.21
C VAL A 173 -1.10 -6.24 21.51
N ASP A 174 -0.57 -7.43 21.80
CA ASP A 174 0.03 -7.69 23.10
C ASP A 174 1.35 -6.94 23.24
N PRO A 175 1.76 -6.63 24.49
CA PRO A 175 3.12 -6.11 24.69
C PRO A 175 4.18 -7.08 24.21
N GLU A 176 3.93 -8.37 24.33
CA GLU A 176 4.79 -9.38 23.73
C GLU A 176 4.40 -9.59 22.27
N LYS A 177 5.21 -10.37 21.57
CA LYS A 177 4.97 -10.70 20.15
C LYS A 177 4.88 -9.43 19.31
N GLY A 178 5.84 -8.54 19.49
CA GLY A 178 5.89 -7.30 18.74
C GLY A 178 7.27 -6.67 18.85
N SER A 179 7.43 -5.56 18.14
CA SER A 179 8.66 -4.79 18.18
C SER A 179 8.48 -3.60 19.12
N ASP A 180 9.39 -3.47 20.08
CA ASP A 180 9.22 -2.47 21.12
C ASP A 180 9.19 -1.05 20.54
N ILE A 181 10.07 -0.76 19.59
CA ILE A 181 10.17 0.58 19.01
C ILE A 181 10.29 0.43 17.49
N ILE A 182 9.16 0.60 16.80
CA ILE A 182 9.15 0.57 15.34
C ILE A 182 9.34 1.98 14.81
N ILE A 183 10.32 2.16 13.93
CA ILE A 183 10.47 3.44 13.26
C ILE A 183 10.07 3.26 11.81
N GLY A 184 8.81 3.50 11.51
CA GLY A 184 8.32 3.32 10.16
C GLY A 184 8.76 4.44 9.25
N THR A 185 8.42 4.29 7.97
CA THR A 185 8.74 5.31 6.98
C THR A 185 7.77 5.20 5.82
N GLY A 186 7.43 6.36 5.27
CA GLY A 186 6.66 6.45 4.04
C GLY A 186 7.29 7.53 3.19
N ALA A 187 6.69 7.75 2.03
CA ALA A 187 7.19 8.78 1.13
C ALA A 187 6.07 9.28 0.23
N THR A 188 6.28 10.47 -0.31
CA THR A 188 5.39 11.07 -1.29
C THR A 188 6.24 11.76 -2.34
N ARG A 189 6.08 11.36 -3.59
CA ARG A 189 6.95 11.81 -4.67
C ARG A 189 6.40 13.09 -5.28
N ILE A 190 7.13 14.19 -5.12
CA ILE A 190 6.78 15.48 -5.72
C ILE A 190 7.94 15.89 -6.61
N ASP A 191 7.65 16.10 -7.90
CA ASP A 191 8.66 16.47 -8.88
C ASP A 191 9.80 15.46 -8.90
N ASN A 192 9.44 14.18 -8.87
CA ASN A 192 10.40 13.07 -8.92
C ASN A 192 11.42 13.16 -7.81
N VAL A 193 10.96 13.55 -6.62
CA VAL A 193 11.81 13.63 -5.43
C VAL A 193 11.08 12.94 -4.28
N ASN A 194 11.80 12.13 -3.53
CA ASN A 194 11.23 11.42 -2.39
C ASN A 194 11.38 12.29 -1.14
N LEU A 195 10.28 12.44 -0.40
CA LEU A 195 10.27 13.09 0.91
C LEU A 195 9.81 12.06 1.94
N PHE A 196 10.58 11.93 3.02
CA PHE A 196 10.40 10.84 3.96
C PHE A 196 9.95 11.36 5.32
N CYS A 197 9.28 10.48 6.06
CA CYS A 197 8.83 10.78 7.41
C CYS A 197 8.87 9.50 8.22
N PHE A 198 8.88 9.65 9.55
CA PHE A 198 9.01 8.52 10.46
C PHE A 198 7.90 8.54 11.49
N ALA A 199 7.15 7.45 11.59
CA ALA A 199 6.08 7.31 12.57
C ALA A 199 6.60 6.47 13.73
N MET A 200 7.36 7.11 14.61
CA MET A 200 7.95 6.47 15.77
C MET A 200 6.87 5.81 16.62
N VAL A 201 7.14 4.58 17.05
CA VAL A 201 6.26 3.83 17.94
C VAL A 201 7.04 3.48 19.20
N PHE A 202 6.43 3.71 20.36
CA PHE A 202 7.14 3.60 21.62
C PHE A 202 6.55 2.57 22.58
N LYS A 203 5.39 1.99 22.28
CA LYS A 203 4.67 1.16 23.24
C LYS A 203 4.45 1.91 24.55
N LYS A 204 3.71 3.01 24.46
CA LYS A 204 3.57 3.90 25.61
C LYS A 204 2.87 3.22 26.78
N ASP A 205 1.82 2.46 26.52
CA ASP A 205 1.02 1.84 27.58
C ASP A 205 1.03 0.32 27.50
N GLY A 206 2.05 -0.27 26.89
CA GLY A 206 2.08 -1.69 26.65
C GLY A 206 1.41 -2.12 25.37
N THR A 207 0.63 -1.24 24.74
CA THR A 207 0.02 -1.48 23.45
C THR A 207 0.62 -0.51 22.45
N MET A 208 0.86 -0.99 21.23
CA MET A 208 1.52 -0.18 20.22
C MET A 208 0.76 1.12 19.98
N LEU A 209 1.36 2.23 20.39
CA LEU A 209 0.76 3.55 20.24
C LEU A 209 1.64 4.35 19.30
N TRP A 210 1.05 4.93 18.26
CA TRP A 210 1.80 5.92 17.52
C TRP A 210 1.98 7.10 18.45
N ASN A 211 3.17 7.26 19.02
CA ASN A 211 3.35 8.24 20.08
C ASN A 211 3.75 9.61 19.56
N GLU A 212 4.66 9.67 18.59
CA GLU A 212 5.04 10.97 18.05
C GLU A 212 5.61 10.79 16.66
N ILE A 213 5.42 11.81 15.83
CA ILE A 213 5.70 11.78 14.40
C ILE A 213 6.89 12.70 14.14
N SER A 214 7.40 12.64 12.91
CA SER A 214 8.57 13.43 12.52
C SER A 214 8.31 14.15 11.21
N PRO A 215 8.98 15.28 10.97
CA PRO A 215 8.72 16.06 9.76
C PRO A 215 9.30 15.42 8.51
N ILE A 216 9.19 16.13 7.38
CA ILE A 216 9.71 15.62 6.12
C ILE A 216 11.23 15.72 6.11
N VAL A 217 11.88 14.71 5.53
CA VAL A 217 13.33 14.69 5.41
C VAL A 217 13.69 14.27 3.98
N THR A 218 14.55 15.06 3.34
CA THR A 218 15.05 14.69 2.02
C THR A 218 15.98 13.48 2.14
N SER A 219 16.04 12.70 1.07
CA SER A 219 16.83 11.48 1.07
C SER A 219 18.30 11.73 1.39
N SER A 220 18.80 12.95 1.13
CA SER A 220 20.18 13.27 1.48
C SER A 220 20.40 13.18 2.99
N GLU A 221 19.46 13.68 3.78
CA GLU A 221 19.52 13.61 5.23
C GLU A 221 18.77 12.42 5.80
N TYR A 222 18.30 11.51 4.95
CA TYR A 222 17.47 10.40 5.41
C TYR A 222 18.23 9.52 6.40
N LEU A 223 19.48 9.18 6.10
CA LEU A 223 20.23 8.29 6.98
C LEU A 223 20.61 8.97 8.28
N THR A 224 21.05 10.24 8.22
CA THR A 224 21.40 10.96 9.44
C THR A 224 20.19 11.12 10.35
N TYR A 225 19.04 11.48 9.78
CA TYR A 225 17.84 11.60 10.58
C TYR A 225 17.37 10.25 11.09
N LEU A 226 17.62 9.18 10.34
CA LEU A 226 17.29 7.86 10.84
C LEU A 226 18.15 7.50 12.05
N LYS A 227 19.43 7.86 12.01
CA LYS A 227 20.29 7.62 13.17
C LYS A 227 19.82 8.44 14.37
N SER A 228 19.55 9.73 14.15
CA SER A 228 19.04 10.58 15.22
C SER A 228 17.74 10.02 15.78
N THR A 229 16.90 9.43 14.92
CA THR A 229 15.63 8.89 15.36
C THR A 229 15.81 7.57 16.12
N ILE A 230 16.76 6.73 15.70
CA ILE A 230 17.09 5.54 16.48
C ILE A 230 17.50 5.95 17.90
N LYS A 231 18.29 7.01 18.02
CA LYS A 231 18.66 7.48 19.36
C LYS A 231 17.46 8.05 20.11
N LYS A 232 16.63 8.84 19.43
CA LYS A 232 15.53 9.52 20.09
C LYS A 232 14.47 8.54 20.58
N VAL A 233 14.21 7.47 19.82
CA VAL A 233 13.19 6.52 20.22
C VAL A 233 13.59 5.78 21.49
N VAL A 234 14.86 5.38 21.60
CA VAL A 234 15.30 4.70 22.81
C VAL A 234 15.34 5.68 23.98
N TYR A 235 15.71 6.94 23.72
CA TYR A 235 15.62 7.95 24.76
C TYR A 235 14.20 8.05 25.31
N GLY A 236 13.22 8.20 24.41
CA GLY A 236 11.84 8.32 24.84
C GLY A 236 11.30 7.07 25.49
N PHE A 237 11.73 5.90 25.00
CA PHE A 237 11.28 4.64 25.58
C PHE A 237 11.83 4.47 27.00
N LYS A 238 13.09 4.84 27.22
CA LYS A 238 13.64 4.83 28.57
C LYS A 238 12.93 5.83 29.47
N LYS A 239 12.63 7.02 28.93
CA LYS A 239 11.93 8.03 29.73
C LYS A 239 10.53 7.56 30.12
N SER A 240 9.82 6.93 29.20
CA SER A 240 8.43 6.53 29.43
C SER A 240 8.29 5.09 29.92
N ASN A 241 9.39 4.34 29.99
CA ASN A 241 9.33 2.95 30.45
C ASN A 241 10.67 2.55 31.05
N PRO A 242 10.66 1.83 32.17
CA PRO A 242 11.92 1.32 32.72
C PRO A 242 12.31 -0.04 32.15
N ASP A 243 11.67 -0.44 31.05
CA ASP A 243 11.94 -1.72 30.42
C ASP A 243 13.13 -1.61 29.47
N TRP A 244 13.45 -2.72 28.81
CA TRP A 244 14.55 -2.81 27.86
C TRP A 244 14.06 -3.33 26.52
N ASP A 245 14.87 -3.11 25.49
CA ASP A 245 14.55 -3.58 24.15
C ASP A 245 14.85 -5.07 24.03
N VAL A 246 13.87 -5.91 24.39
CA VAL A 246 14.13 -7.34 24.51
C VAL A 246 13.78 -8.07 23.21
N GLU A 247 12.79 -7.55 22.47
CA GLU A 247 12.28 -8.27 21.31
C GLU A 247 12.87 -7.77 20.00
N LYS A 248 12.67 -6.50 19.65
CA LYS A 248 13.15 -5.98 18.37
C LYS A 248 13.30 -4.46 18.44
N LEU A 249 13.93 -3.92 17.40
CA LEU A 249 14.08 -2.44 17.18
C LEU A 249 13.86 -2.21 15.67
N THR A 250 12.85 -2.84 15.07
CA THR A 250 12.76 -2.94 13.62
C THR A 250 12.40 -1.59 12.99
N LEU A 251 12.31 -1.61 11.66
CA LEU A 251 11.85 -0.49 10.86
C LEU A 251 10.75 -0.94 9.92
N HIS A 252 10.20 0.03 9.18
CA HIS A 252 9.16 -0.21 8.18
C HIS A 252 9.36 0.84 7.09
N VAL A 253 10.03 0.46 6.02
CA VAL A 253 10.36 1.40 4.96
C VAL A 253 9.45 1.17 3.76
N SER A 254 8.83 2.23 3.27
CA SER A 254 8.06 2.21 2.04
C SER A 254 8.41 3.45 1.24
N GLY A 255 8.12 3.41 -0.06
CA GLY A 255 8.52 4.49 -0.92
C GLY A 255 10.00 4.50 -1.25
N LYS A 256 10.74 3.54 -0.73
CA LYS A 256 12.18 3.38 -1.00
C LYS A 256 12.50 1.90 -0.84
N ARG A 257 13.78 1.58 -0.76
CA ARG A 257 14.21 0.22 -0.46
C ARG A 257 15.61 0.26 0.16
N PRO A 258 15.78 -0.27 1.37
CA PRO A 258 17.07 -0.12 2.05
C PRO A 258 18.13 -1.05 1.45
N LYS A 259 19.37 -0.79 1.84
CA LYS A 259 20.50 -1.54 1.32
C LYS A 259 20.78 -2.78 2.17
N MET A 260 21.54 -3.72 1.59
CA MET A 260 22.02 -4.85 2.37
C MET A 260 23.19 -4.45 3.26
N LYS A 261 23.98 -3.47 2.83
CA LYS A 261 25.07 -2.91 3.62
C LYS A 261 25.43 -1.57 3.03
N ASP A 262 26.17 -0.78 3.81
CA ASP A 262 26.58 0.56 3.41
C ASP A 262 25.35 1.43 3.08
N GLY A 263 24.48 1.57 4.06
CA GLY A 263 23.25 2.31 3.87
C GLY A 263 22.36 2.30 5.10
N GLU A 264 21.07 2.03 4.90
CA GLU A 264 20.14 2.03 6.01
C GLU A 264 20.51 1.00 7.07
N THR A 265 20.86 -0.22 6.64
CA THR A 265 21.18 -1.26 7.61
C THR A 265 22.49 -0.96 8.34
N LYS A 266 23.48 -0.38 7.66
CA LYS A 266 24.71 -0.02 8.34
C LYS A 266 24.45 1.06 9.39
N ILE A 267 23.62 2.04 9.06
CA ILE A 267 23.27 3.08 10.02
C ILE A 267 22.57 2.46 11.23
N LEU A 268 21.61 1.58 10.98
CA LEU A 268 20.90 0.94 12.09
C LEU A 268 21.84 0.12 12.94
N LYS A 269 22.72 -0.66 12.31
CA LYS A 269 23.65 -1.51 13.06
C LYS A 269 24.60 -0.67 13.92
N GLU A 270 25.18 0.37 13.33
CA GLU A 270 26.12 1.21 14.07
C GLU A 270 25.42 1.93 15.22
N THR A 271 24.23 2.46 14.99
CA THR A 271 23.55 3.17 16.06
C THR A 271 23.10 2.23 17.16
N VAL A 272 22.68 1.01 16.81
CA VAL A 272 22.36 0.04 17.85
C VAL A 272 23.61 -0.36 18.62
N GLU A 273 24.76 -0.43 17.94
CA GLU A 273 26.02 -0.67 18.65
C GLU A 273 26.29 0.44 19.66
N GLU A 274 26.09 1.70 19.25
CA GLU A 274 26.28 2.82 20.17
C GLU A 274 25.32 2.72 21.34
N LEU A 275 24.08 2.33 21.09
CA LEU A 275 23.11 2.21 22.17
C LEU A 275 23.50 1.10 23.15
N LYS A 276 23.99 -0.03 22.64
CA LYS A 276 24.34 -1.13 23.53
C LYS A 276 25.66 -0.89 24.24
N LYS A 277 26.51 0.00 23.72
CA LYS A 277 27.73 0.33 24.44
C LYS A 277 27.46 1.19 25.67
N GLN A 278 26.25 1.73 25.79
CA GLN A 278 25.85 2.51 26.96
C GLN A 278 24.71 1.85 27.74
N GLU A 279 24.61 0.52 27.67
CA GLU A 279 23.65 -0.27 28.44
C GLU A 279 22.20 0.11 28.16
N MET A 280 21.94 0.89 27.11
CA MET A 280 20.58 1.34 26.85
C MET A 280 19.73 0.23 26.26
N VAL A 281 20.31 -0.59 25.39
CA VAL A 281 19.59 -1.69 24.76
C VAL A 281 20.28 -2.99 25.14
N SER A 282 19.48 -4.06 25.22
CA SER A 282 20.00 -5.36 25.62
C SER A 282 20.95 -5.92 24.59
N ARG A 283 21.82 -6.83 25.03
CA ARG A 283 22.78 -7.45 24.12
C ARG A 283 22.06 -8.24 23.03
N ASP A 284 20.99 -8.95 23.38
CA ASP A 284 20.21 -9.71 22.42
C ASP A 284 19.23 -8.81 21.67
N VAL A 285 19.79 -7.74 21.10
CA VAL A 285 19.04 -6.77 20.32
C VAL A 285 18.92 -7.27 18.89
N LYS A 286 17.76 -7.05 18.27
CA LYS A 286 17.50 -7.47 16.91
C LYS A 286 17.26 -6.23 16.05
N TYR A 287 18.07 -6.06 15.01
CA TYR A 287 17.96 -4.88 14.16
C TYR A 287 16.71 -4.95 13.29
N ALA A 288 16.64 -5.96 12.41
CA ALA A 288 15.45 -6.29 11.64
C ALA A 288 14.95 -5.12 10.79
N ILE A 289 15.78 -4.72 9.82
CA ILE A 289 15.39 -3.73 8.83
C ILE A 289 14.28 -4.35 7.98
N LEU A 290 13.55 -3.53 7.22
CA LEU A 290 12.41 -4.05 6.48
C LEU A 290 12.16 -3.15 5.27
N HIS A 291 11.32 -3.63 4.37
CA HIS A 291 10.93 -2.88 3.18
C HIS A 291 9.52 -3.25 2.78
N LEU A 292 8.68 -2.24 2.56
CA LEU A 292 7.27 -2.42 2.24
C LEU A 292 6.95 -1.81 0.89
N ASN A 293 6.23 -2.56 0.05
CA ASN A 293 5.84 -2.10 -1.27
C ASN A 293 4.39 -2.48 -1.52
N GLU A 294 3.66 -1.59 -2.20
CA GLU A 294 2.24 -1.77 -2.47
C GLU A 294 1.95 -2.19 -3.90
N THR A 295 2.66 -1.67 -4.89
CA THR A 295 2.44 -2.01 -6.29
C THR A 295 3.52 -2.99 -6.72
N HIS A 296 3.09 -4.06 -7.37
CA HIS A 296 3.98 -5.14 -7.81
C HIS A 296 3.22 -6.06 -8.75
N PRO A 297 3.94 -6.79 -9.62
CA PRO A 297 3.25 -7.65 -10.60
C PRO A 297 2.49 -8.81 -9.99
N PHE A 298 2.39 -8.91 -8.67
CA PHE A 298 1.77 -10.07 -8.06
C PHE A 298 0.30 -9.80 -7.75
N TRP A 299 -0.49 -10.87 -7.76
CA TRP A 299 -1.88 -10.86 -7.35
C TRP A 299 -2.16 -12.19 -6.67
N VAL A 300 -3.36 -12.35 -6.14
CA VAL A 300 -3.73 -13.58 -5.42
C VAL A 300 -5.20 -13.89 -5.65
N MET A 301 -5.49 -15.12 -6.07
CA MET A 301 -6.80 -15.74 -5.92
C MET A 301 -6.92 -16.27 -4.50
N GLY A 302 -7.75 -15.64 -3.70
CA GLY A 302 -8.05 -16.17 -2.39
C GLY A 302 -9.03 -17.33 -2.51
N ASP A 303 -9.44 -17.82 -1.35
CA ASP A 303 -10.39 -18.91 -1.32
C ASP A 303 -11.71 -18.47 -1.94
N PRO A 304 -12.35 -19.30 -2.76
CA PRO A 304 -13.54 -18.86 -3.49
C PRO A 304 -14.69 -18.40 -2.60
N ASN A 305 -14.83 -18.97 -1.40
CA ASN A 305 -15.93 -18.57 -0.52
C ASN A 305 -15.81 -17.12 -0.11
N ASN A 306 -14.59 -16.67 0.18
CA ASN A 306 -14.35 -15.28 0.59
C ASN A 306 -14.14 -14.37 -0.62
N ARG A 307 -15.09 -14.44 -1.56
CA ARG A 307 -15.05 -13.62 -2.78
C ARG A 307 -13.71 -13.77 -3.50
N PHE A 308 -13.19 -14.99 -3.50
CA PHE A 308 -11.95 -15.37 -4.17
C PHE A 308 -10.76 -14.51 -3.75
N HIS A 309 -10.84 -13.85 -2.58
CA HIS A 309 -9.77 -12.95 -2.15
C HIS A 309 -9.12 -13.45 -0.88
N PRO A 310 -7.80 -13.27 -0.76
CA PRO A 310 -7.08 -13.80 0.41
C PRO A 310 -7.58 -13.19 1.71
N TYR A 311 -7.52 -13.99 2.77
CA TYR A 311 -8.08 -13.59 4.05
C TYR A 311 -7.23 -12.49 4.68
N GLU A 312 -7.61 -12.11 5.90
CA GLU A 312 -7.01 -10.97 6.58
C GLU A 312 -5.54 -11.19 6.96
N GLY A 313 -5.05 -12.41 6.90
CA GLY A 313 -3.64 -12.64 7.18
C GLY A 313 -3.03 -13.76 6.36
N THR A 314 -1.97 -13.45 5.62
CA THR A 314 -1.30 -14.43 4.77
C THR A 314 0.19 -14.09 4.69
N LYS A 315 1.02 -15.13 4.77
CA LYS A 315 2.47 -15.00 4.54
C LYS A 315 2.91 -16.13 3.64
N VAL A 316 3.06 -15.85 2.35
CA VAL A 316 3.07 -16.87 1.31
C VAL A 316 4.46 -17.44 1.05
N LYS A 317 5.51 -16.65 1.25
CA LYS A 317 6.83 -17.17 0.95
C LYS A 317 7.50 -17.72 2.20
N LEU A 318 8.71 -18.27 2.00
CA LEU A 318 9.49 -18.84 3.09
C LEU A 318 10.95 -18.86 2.71
N SER A 319 11.82 -18.54 3.67
CA SER A 319 13.27 -18.64 3.55
C SER A 319 13.84 -17.63 2.58
N SER A 320 12.98 -16.88 1.90
CA SER A 320 13.41 -15.77 1.08
C SER A 320 13.14 -14.47 1.80
N LYS A 321 13.81 -13.40 1.37
CA LYS A 321 13.61 -12.10 1.99
C LYS A 321 12.18 -11.60 1.76
N ARG A 322 11.66 -11.74 0.55
CA ARG A 322 10.34 -11.20 0.24
C ARG A 322 9.24 -12.06 0.84
N TYR A 323 8.16 -11.41 1.25
CA TYR A 323 6.94 -12.06 1.72
C TYR A 323 5.75 -11.23 1.25
N LEU A 324 4.60 -11.88 1.13
CA LEU A 324 3.38 -11.19 0.76
C LEU A 324 2.40 -11.24 1.93
N LEU A 325 1.56 -10.21 2.02
CA LEU A 325 0.65 -10.05 3.13
C LEU A 325 -0.63 -9.39 2.64
N THR A 326 -1.77 -9.97 3.01
CA THR A 326 -3.09 -9.45 2.65
C THR A 326 -3.75 -8.84 3.87
N LEU A 327 -4.37 -7.66 3.69
CA LEU A 327 -4.97 -6.95 4.85
C LEU A 327 -6.44 -6.62 4.57
N LEU A 328 -6.78 -6.16 3.36
CA LEU A 328 -8.17 -5.72 3.08
C LEU A 328 -9.05 -6.90 2.67
N GLN A 329 -9.59 -7.65 3.63
CA GLN A 329 -10.56 -8.71 3.27
C GLN A 329 -11.86 -7.99 2.91
N PRO A 330 -12.78 -8.57 2.10
CA PRO A 330 -14.06 -7.90 1.83
C PRO A 330 -14.83 -7.65 3.13
N TYR A 331 -15.51 -6.50 3.23
CA TYR A 331 -16.22 -6.14 4.50
C TYR A 331 -17.45 -7.04 4.69
N LEU A 332 -17.66 -7.53 5.91
CA LEU A 332 -18.74 -8.48 6.18
C LEU A 332 -20.00 -7.68 6.48
N LYS A 333 -20.81 -7.46 5.44
CA LYS A 333 -22.07 -6.76 5.60
C LYS A 333 -23.14 -7.72 6.13
N ARG A 334 -24.34 -7.18 6.32
CA ARG A 334 -25.44 -7.99 6.87
C ARG A 334 -25.82 -9.11 5.91
N ASN A 335 -25.81 -8.85 4.60
CA ASN A 335 -26.17 -9.89 3.64
C ASN A 335 -25.03 -10.88 3.45
N GLY A 336 -23.79 -10.43 3.60
CA GLY A 336 -22.65 -11.29 3.36
C GLY A 336 -21.38 -10.47 3.28
N LEU A 337 -20.64 -10.69 2.20
CA LEU A 337 -19.37 -10.00 2.01
C LEU A 337 -19.55 -8.86 1.02
N GLU A 338 -18.80 -7.78 1.21
CA GLU A 338 -18.82 -6.67 0.27
C GLU A 338 -18.26 -7.09 -1.06
N MET A 339 -18.98 -6.78 -2.14
CA MET A 339 -18.47 -7.03 -3.48
C MET A 339 -17.30 -6.08 -3.72
N VAL A 340 -16.16 -6.62 -4.18
CA VAL A 340 -14.94 -5.83 -4.26
C VAL A 340 -14.23 -6.12 -5.57
N THR A 341 -13.56 -5.09 -6.09
CA THR A 341 -12.68 -5.27 -7.23
C THR A 341 -11.45 -6.07 -6.80
N PRO A 342 -10.73 -6.66 -7.75
CA PRO A 342 -9.47 -7.33 -7.40
C PRO A 342 -8.53 -6.41 -6.63
N ILE A 343 -7.95 -6.95 -5.56
CA ILE A 343 -7.11 -6.18 -4.65
C ILE A 343 -5.67 -6.63 -4.81
N LYS A 344 -4.73 -5.71 -4.55
CA LYS A 344 -3.31 -5.99 -4.69
C LYS A 344 -2.68 -6.09 -3.32
N PRO A 345 -2.11 -7.23 -2.94
CA PRO A 345 -1.61 -7.40 -1.56
C PRO A 345 -0.29 -6.68 -1.35
N LEU A 346 0.06 -6.54 -0.06
CA LEU A 346 1.26 -5.85 0.36
C LEU A 346 2.41 -6.85 0.45
N SER A 347 3.56 -6.48 -0.12
CA SER A 347 4.73 -7.34 -0.18
C SER A 347 5.76 -6.88 0.84
N VAL A 348 6.12 -7.78 1.75
CA VAL A 348 7.06 -7.49 2.84
C VAL A 348 8.38 -8.17 2.50
N GLU A 349 9.48 -7.43 2.54
CA GLU A 349 10.79 -8.01 2.27
C GLU A 349 11.77 -7.58 3.34
N ILE A 350 12.37 -8.55 4.03
CA ILE A 350 13.40 -8.27 5.01
C ILE A 350 14.72 -8.04 4.27
N VAL A 351 15.02 -6.77 3.99
CA VAL A 351 16.22 -6.44 3.22
C VAL A 351 17.47 -6.89 3.97
N SER A 352 17.53 -6.60 5.27
CA SER A 352 18.66 -7.00 6.09
C SER A 352 18.15 -7.39 7.47
N ASP A 353 18.91 -8.22 8.16
CA ASP A 353 18.53 -8.68 9.48
C ASP A 353 19.74 -9.33 10.15
N ASN A 354 19.62 -9.53 11.46
CA ASN A 354 20.67 -10.18 12.24
C ASN A 354 20.08 -11.12 13.29
N TRP A 355 19.09 -11.92 12.91
CA TRP A 355 18.64 -12.98 13.81
C TRP A 355 19.56 -14.20 13.78
N THR A 356 20.57 -14.19 12.92
CA THR A 356 21.63 -15.21 12.90
C THR A 356 21.09 -16.60 12.59
N SER A 357 19.86 -16.67 12.07
CA SER A 357 19.30 -17.90 11.49
C SER A 357 19.18 -19.04 12.51
N GLU A 358 18.80 -18.73 13.74
CA GLU A 358 18.41 -19.75 14.70
C GLU A 358 16.91 -19.88 14.81
N GLU A 359 16.22 -18.79 15.13
CA GLU A 359 14.77 -18.70 15.12
C GLU A 359 14.31 -17.66 14.10
N TYR A 360 14.98 -17.64 12.95
CA TYR A 360 14.65 -16.68 11.89
C TYR A 360 13.18 -16.79 11.49
N TYR A 361 12.69 -18.01 11.32
CA TYR A 361 11.32 -18.21 10.90
C TYR A 361 10.34 -17.65 11.92
N HIS A 362 10.64 -17.83 13.21
CA HIS A 362 9.75 -17.29 14.25
C HIS A 362 9.68 -15.77 14.17
N ASN A 363 10.82 -15.12 14.00
CA ASN A 363 10.85 -13.67 14.04
C ASN A 363 10.36 -13.02 12.74
N VAL A 364 10.42 -13.73 11.62
CA VAL A 364 9.78 -13.24 10.41
C VAL A 364 8.30 -13.01 10.64
N HIS A 365 7.64 -14.00 11.24
CA HIS A 365 6.23 -13.83 11.58
C HIS A 365 6.06 -12.86 12.75
N GLU A 366 7.04 -12.78 13.64
CA GLU A 366 6.95 -11.83 14.73
C GLU A 366 6.86 -10.40 14.22
N ILE A 367 7.63 -10.07 13.17
CA ILE A 367 7.44 -8.78 12.52
C ILE A 367 6.11 -8.75 11.78
N LEU A 368 5.81 -9.81 11.04
CA LEU A 368 4.67 -9.77 10.13
C LEU A 368 3.33 -9.89 10.84
N ASP A 369 3.32 -10.42 12.07
CA ASP A 369 2.14 -10.26 12.90
C ASP A 369 1.92 -8.78 13.20
N GLU A 370 3.02 -8.05 13.44
CA GLU A 370 2.90 -6.65 13.85
C GLU A 370 2.33 -5.77 12.75
N ILE A 371 2.79 -5.94 11.51
CA ILE A 371 2.37 -5.04 10.44
C ILE A 371 0.87 -5.15 10.18
N TYR A 372 0.35 -6.37 10.11
CA TYR A 372 -1.08 -6.53 10.04
C TYR A 372 -1.77 -6.01 11.30
N TYR A 373 -1.09 -6.09 12.45
CA TYR A 373 -1.60 -5.45 13.66
C TYR A 373 -1.44 -3.95 13.58
N LEU A 374 -0.43 -3.47 12.84
CA LEU A 374 -0.10 -2.06 12.85
C LEU A 374 -0.73 -1.31 11.68
N SER A 375 -1.51 -2.00 10.83
CA SER A 375 -2.06 -1.36 9.64
C SER A 375 -3.48 -0.85 9.88
N LYS A 376 -4.22 -1.51 10.77
CA LYS A 376 -5.56 -1.07 11.11
C LYS A 376 -5.55 0.00 12.19
N MET A 377 -4.36 0.36 12.66
CA MET A 377 -4.19 1.40 13.67
C MET A 377 -4.51 2.79 13.16
N ASN A 378 -4.37 3.03 11.86
CA ASN A 378 -4.52 4.37 11.31
C ASN A 378 -5.92 4.92 11.56
N TRP A 379 -6.00 6.22 11.85
CA TRP A 379 -7.26 6.91 12.12
C TRP A 379 -7.46 7.95 11.02
N ARG A 380 -8.09 7.53 9.92
CA ARG A 380 -8.50 8.45 8.87
C ARG A 380 -9.92 8.19 8.39
N GLY A 381 -10.52 7.07 8.73
CA GLY A 381 -11.89 6.75 8.36
C GLY A 381 -12.23 5.39 8.89
N PHE A 382 -13.44 4.91 8.65
CA PHE A 382 -13.76 3.53 9.07
C PHE A 382 -13.01 2.50 8.21
N ARG A 383 -12.17 2.95 7.26
CA ARG A 383 -11.50 1.99 6.33
C ARG A 383 -9.97 2.10 6.43
N SER A 384 -9.27 0.96 6.50
CA SER A 384 -7.79 0.92 6.61
C SER A 384 -7.13 1.25 5.26
N ARG A 385 -5.84 1.61 5.28
CA ARG A 385 -5.12 2.00 4.04
C ARG A 385 -4.19 0.85 3.60
N ASN A 386 -4.36 -0.36 4.16
CA ASN A 386 -3.54 -1.48 3.72
C ASN A 386 -2.05 -1.18 3.77
N LEU A 387 -1.64 -0.20 4.57
CA LEU A 387 -0.27 0.03 4.96
C LEU A 387 -0.24 0.18 6.48
N PRO A 388 0.90 -0.12 7.11
CA PRO A 388 0.99 0.08 8.56
C PRO A 388 0.81 1.54 8.90
N VAL A 389 0.34 1.80 10.12
CA VAL A 389 0.20 3.18 10.56
C VAL A 389 1.54 3.89 10.50
N THR A 390 2.63 3.14 10.72
CA THR A 390 3.98 3.67 10.55
C THR A 390 4.35 3.84 9.09
N VAL A 391 3.48 3.48 8.16
CA VAL A 391 3.66 3.78 6.75
C VAL A 391 2.60 4.74 6.25
N ASN A 392 1.34 4.53 6.65
CA ASN A 392 0.28 5.45 6.26
C ASN A 392 0.53 6.85 6.82
N TYR A 393 0.76 6.94 8.12
CA TYR A 393 0.92 8.25 8.77
C TYR A 393 2.09 9.06 8.23
N PRO A 394 3.30 8.51 8.08
CA PRO A 394 4.36 9.31 7.45
C PRO A 394 4.04 9.72 6.03
N LYS A 395 3.34 8.86 5.27
CA LYS A 395 2.95 9.23 3.91
C LYS A 395 2.02 10.43 3.92
N LEU A 396 1.01 10.41 4.80
CA LEU A 396 0.10 11.53 4.90
C LEU A 396 0.81 12.79 5.37
N VAL A 397 1.72 12.66 6.33
CA VAL A 397 2.45 13.82 6.83
C VAL A 397 3.26 14.43 5.70
N ALA A 398 3.97 13.60 4.95
CA ALA A 398 4.79 14.09 3.84
C ALA A 398 3.93 14.75 2.77
N GLY A 399 2.80 14.13 2.43
CA GLY A 399 1.93 14.73 1.44
C GLY A 399 1.42 16.09 1.86
N ILE A 400 0.93 16.18 3.09
CA ILE A 400 0.36 17.44 3.58
C ILE A 400 1.44 18.52 3.63
N ILE A 401 2.62 18.18 4.17
CA ILE A 401 3.66 19.18 4.35
C ILE A 401 4.22 19.62 3.01
N ALA A 402 4.43 18.67 2.08
CA ALA A 402 4.93 19.03 0.76
C ALA A 402 3.93 19.88 0.00
N ASN A 403 2.64 19.55 0.09
CA ASN A 403 1.62 20.37 -0.55
C ASN A 403 1.59 21.78 0.05
N VAL A 404 1.70 21.87 1.37
CA VAL A 404 1.68 23.17 2.03
C VAL A 404 2.87 24.01 1.60
N ASN A 405 4.07 23.41 1.58
CA ASN A 405 5.27 24.16 1.22
C ASN A 405 5.31 24.50 -0.26
N ARG A 406 4.66 23.68 -1.10
CA ARG A 406 4.62 23.97 -2.53
C ARG A 406 3.87 25.25 -2.82
N TYR A 407 2.77 25.50 -2.09
CA TYR A 407 1.95 26.67 -2.29
C TYR A 407 2.38 27.85 -1.43
N GLY A 408 3.47 27.71 -0.66
CA GLY A 408 3.91 28.79 0.21
C GLY A 408 2.92 29.13 1.30
N GLY A 409 2.28 28.13 1.89
CA GLY A 409 1.33 28.36 2.96
C GLY A 409 2.00 28.51 4.30
N TYR A 410 1.18 28.44 5.35
CA TYR A 410 1.69 28.55 6.70
C TYR A 410 2.50 27.30 7.03
N PRO A 411 3.79 27.43 7.36
CA PRO A 411 4.62 26.25 7.56
C PRO A 411 4.11 25.38 8.71
N ILE A 412 4.22 24.06 8.53
CA ILE A 412 3.85 23.10 9.55
C ILE A 412 5.07 22.24 9.86
N ASN A 413 5.25 21.94 11.14
CA ASN A 413 6.23 20.95 11.55
C ASN A 413 5.83 20.32 12.87
N PRO A 414 6.00 19.02 13.02
CA PRO A 414 5.72 18.36 14.30
C PRO A 414 6.89 18.32 15.27
N GLU A 415 8.03 18.91 14.90
CA GLU A 415 9.18 19.04 15.80
C GLU A 415 9.16 20.35 16.56
N GLY A 416 9.03 21.47 15.86
CA GLY A 416 8.92 22.75 16.54
C GLY A 416 7.65 22.89 17.34
N ASN A 417 6.52 22.46 16.77
CA ASN A 417 5.22 22.53 17.44
C ASN A 417 5.05 21.27 18.28
N ARG A 418 5.35 21.39 19.57
CA ARG A 418 5.32 20.24 20.46
C ARG A 418 3.91 19.68 20.66
N SER A 419 2.88 20.50 20.47
CA SER A 419 1.51 20.07 20.72
C SER A 419 0.97 19.13 19.65
N LEU A 420 1.69 18.98 18.53
CA LEU A 420 1.19 18.17 17.43
C LEU A 420 1.28 16.67 17.68
N GLN A 421 1.98 16.25 18.73
CA GLN A 421 2.18 14.84 19.01
C GLN A 421 0.99 14.26 19.78
N THR A 422 0.68 12.99 19.49
CA THR A 422 -0.47 12.29 20.06
C THR A 422 -1.73 13.13 19.83
N ASN A 423 -1.82 13.69 18.63
CA ASN A 423 -2.93 14.52 18.18
C ASN A 423 -2.90 14.55 16.67
N PRO A 424 -3.55 13.59 16.00
CA PRO A 424 -3.48 13.53 14.53
C PRO A 424 -3.95 14.83 13.90
N TRP A 425 -3.08 15.41 13.09
CA TRP A 425 -3.31 16.69 12.42
C TRP A 425 -3.16 16.61 10.92
N PHE A 426 -2.43 15.61 10.43
CA PHE A 426 -2.06 15.44 9.04
C PHE A 426 -3.09 14.69 8.22
N LEU A 427 -4.09 14.12 8.86
CA LEU A 427 -5.06 13.25 8.19
C LEU A 427 -5.73 13.93 6.99
N SER B 41 -10.12 -25.95 -0.20
CA SER B 41 -9.52 -24.69 -0.61
C SER B 41 -8.21 -24.44 0.14
N GLY B 42 -8.06 -23.24 0.70
CA GLY B 42 -6.85 -22.88 1.39
C GLY B 42 -5.62 -22.79 0.51
N ILE B 43 -5.76 -22.22 -0.69
CA ILE B 43 -4.66 -22.06 -1.62
C ILE B 43 -4.74 -20.66 -2.21
N LEU B 44 -3.59 -20.03 -2.43
CA LEU B 44 -3.51 -18.67 -2.95
C LEU B 44 -2.78 -18.71 -4.29
N TYR B 45 -3.52 -18.81 -5.39
CA TYR B 45 -2.91 -18.83 -6.70
C TYR B 45 -2.11 -17.55 -6.90
N ILE B 46 -0.79 -17.69 -7.02
CA ILE B 46 0.13 -16.59 -6.76
C ILE B 46 0.63 -15.96 -8.06
N ASN B 47 -0.11 -16.10 -9.16
CA ASN B 47 0.21 -15.44 -10.43
C ASN B 47 1.48 -16.00 -11.06
N ILE B 48 1.95 -17.16 -10.59
CA ILE B 48 3.17 -17.77 -11.10
C ILE B 48 2.81 -19.04 -11.86
N TYR B 49 3.37 -19.21 -13.05
CA TYR B 49 3.17 -20.43 -13.82
C TYR B 49 4.47 -21.23 -13.84
N PRO B 50 4.50 -22.41 -13.23
CA PRO B 50 5.77 -23.08 -12.96
C PRO B 50 6.48 -23.55 -14.23
N ILE B 51 7.80 -23.55 -14.17
CA ILE B 51 8.65 -24.16 -15.19
C ILE B 51 8.84 -25.62 -14.76
N VAL B 52 7.90 -26.48 -15.16
CA VAL B 52 7.89 -27.84 -14.65
C VAL B 52 9.12 -28.61 -15.10
N ASN B 53 9.68 -28.28 -16.25
CA ASN B 53 10.85 -28.97 -16.76
C ASN B 53 11.78 -27.98 -17.44
N TYR B 54 13.08 -28.18 -17.22
CA TYR B 54 14.12 -27.37 -17.86
C TYR B 54 15.45 -28.10 -17.68
N PRO B 55 16.46 -27.78 -18.50
CA PRO B 55 17.71 -28.53 -18.42
C PRO B 55 18.33 -28.45 -17.04
N GLU B 56 18.84 -29.59 -16.56
CA GLU B 56 19.50 -29.61 -15.27
C GLU B 56 20.72 -28.70 -15.26
N THR B 57 21.50 -28.74 -16.35
CA THR B 57 22.60 -27.81 -16.56
C THR B 57 22.40 -27.11 -17.90
N ILE B 58 22.63 -25.80 -17.90
CA ILE B 58 22.48 -24.99 -19.10
C ILE B 58 23.86 -24.54 -19.56
N LYS B 59 24.16 -24.78 -20.83
CA LYS B 59 25.46 -24.43 -21.37
C LYS B 59 25.60 -22.92 -21.38
N VAL B 60 26.41 -22.37 -20.48
CA VAL B 60 26.62 -20.93 -20.34
C VAL B 60 28.07 -20.62 -20.62
N SER B 61 28.31 -19.78 -21.62
CA SER B 61 29.66 -19.39 -22.01
C SER B 61 30.01 -18.08 -21.32
N ALA B 62 30.56 -18.17 -20.12
CA ALA B 62 30.96 -16.98 -19.38
C ALA B 62 32.06 -16.23 -20.13
N ILE B 63 31.90 -14.92 -20.21
CA ILE B 63 32.88 -14.07 -20.90
C ILE B 63 33.15 -12.84 -20.05
N PRO B 64 34.41 -12.51 -19.78
CA PRO B 64 34.72 -11.23 -19.12
C PRO B 64 33.96 -10.08 -19.74
N TYR B 65 33.49 -9.17 -18.88
CA TYR B 65 32.65 -8.07 -19.35
C TYR B 65 33.41 -7.18 -20.32
N TYR B 66 32.71 -6.72 -21.35
CA TYR B 66 33.22 -5.77 -22.32
C TYR B 66 32.31 -4.55 -22.35
N GLU B 67 32.92 -3.37 -22.47
CA GLU B 67 32.24 -2.11 -22.22
C GLU B 67 31.12 -1.83 -23.22
N GLU B 68 31.14 -2.45 -24.40
CA GLU B 68 30.14 -2.19 -25.43
C GLU B 68 28.99 -3.19 -25.38
N PHE B 69 28.82 -3.88 -24.26
CA PHE B 69 27.80 -4.92 -24.15
C PHE B 69 26.40 -4.35 -24.29
N LEU B 70 25.75 -4.63 -25.42
CA LEU B 70 24.37 -4.26 -25.60
C LEU B 70 23.48 -5.13 -24.71
N PRO B 71 22.30 -4.63 -24.33
CA PRO B 71 21.35 -5.50 -23.62
C PRO B 71 21.06 -6.78 -24.40
N GLY B 72 20.92 -6.67 -25.71
CA GLY B 72 20.95 -7.81 -26.61
C GLY B 72 19.98 -8.93 -26.32
N LYS B 73 20.15 -10.03 -27.05
CA LYS B 73 19.37 -11.25 -26.84
C LYS B 73 20.33 -12.38 -26.56
N TRP B 74 20.00 -13.22 -25.57
CA TRP B 74 20.83 -14.34 -25.13
C TRP B 74 22.19 -13.85 -24.63
N LYS B 75 22.14 -12.93 -23.67
CA LYS B 75 23.33 -12.44 -22.99
C LYS B 75 22.95 -11.71 -21.71
N LYS B 76 23.51 -12.13 -20.58
CA LYS B 76 23.18 -11.58 -19.27
C LYS B 76 24.44 -11.09 -18.59
N ARG B 77 24.37 -9.92 -17.97
CA ARG B 77 25.51 -9.30 -17.29
C ARG B 77 25.23 -9.30 -15.79
N ILE B 78 25.61 -10.38 -15.12
CA ILE B 78 25.55 -10.49 -13.67
C ILE B 78 26.97 -10.47 -13.13
N GLY B 79 27.17 -9.73 -12.04
CA GLY B 79 28.52 -9.48 -11.58
C GLY B 79 29.23 -8.54 -12.53
N ASP B 80 30.47 -8.88 -12.88
CA ASP B 80 31.25 -8.13 -13.85
C ASP B 80 31.69 -9.03 -15.01
N LEU B 81 30.79 -9.87 -15.48
CA LEU B 81 31.02 -10.71 -16.64
C LEU B 81 29.85 -10.57 -17.62
N ILE B 82 30.01 -11.17 -18.79
CA ILE B 82 28.94 -11.35 -19.75
C ILE B 82 28.78 -12.85 -19.98
N TYR B 83 27.57 -13.35 -19.82
CA TYR B 83 27.30 -14.79 -19.91
C TYR B 83 26.50 -15.04 -21.17
N LEU B 84 27.16 -15.61 -22.19
CA LEU B 84 26.55 -15.83 -23.49
C LEU B 84 25.83 -17.18 -23.50
N TYR B 85 24.78 -17.26 -22.68
CA TYR B 85 24.01 -18.47 -22.56
C TYR B 85 23.25 -18.77 -23.86
N GLY B 86 22.93 -20.03 -24.06
CA GLY B 86 22.13 -20.43 -25.21
C GLY B 86 22.84 -20.12 -26.51
N TYR B 87 22.18 -19.37 -27.38
CA TYR B 87 22.72 -19.04 -28.70
C TYR B 87 23.96 -18.17 -28.56
N GLY B 88 25.13 -18.73 -28.86
CA GLY B 88 26.37 -17.99 -28.71
C GLY B 88 27.36 -18.65 -27.78
N ILE B 89 27.25 -19.98 -27.63
CA ILE B 89 28.11 -20.73 -26.74
C ILE B 89 29.33 -21.29 -27.46
N GLU B 90 29.65 -20.76 -28.65
CA GLU B 90 30.73 -21.31 -29.45
C GLU B 90 32.11 -21.07 -28.86
N ASN B 91 32.23 -20.23 -27.82
CA ASN B 91 33.53 -19.88 -27.28
C ASN B 91 34.00 -20.88 -26.22
N GLU B 92 33.22 -21.06 -25.16
CA GLU B 92 33.67 -21.85 -24.01
C GLU B 92 33.15 -23.28 -24.01
N PHE B 93 31.96 -23.52 -24.56
CA PHE B 93 31.29 -24.82 -24.48
C PHE B 93 31.03 -25.24 -23.03
N ASP B 94 31.04 -24.27 -22.11
CA ASP B 94 30.98 -24.55 -20.69
C ASP B 94 29.60 -25.04 -20.28
N GLU B 95 29.53 -25.65 -19.10
CA GLU B 95 28.29 -26.09 -18.49
C GLU B 95 28.21 -25.58 -17.06
N ILE B 96 27.03 -25.10 -16.68
CA ILE B 96 26.78 -24.58 -15.34
C ILE B 96 25.67 -25.43 -14.72
N ASP B 97 25.94 -25.95 -13.52
CA ASP B 97 25.03 -26.89 -12.87
C ASP B 97 23.83 -26.15 -12.29
N ASN B 98 22.92 -26.93 -11.68
CA ASN B 98 21.73 -26.35 -11.06
C ASN B 98 22.09 -25.52 -9.83
N SER B 99 22.99 -26.01 -8.99
CA SER B 99 23.28 -25.37 -7.72
C SER B 99 24.22 -24.18 -7.83
N ASN B 100 24.78 -23.93 -9.02
CA ASN B 100 25.72 -22.82 -9.17
C ASN B 100 25.00 -21.49 -8.97
N ALA B 101 25.76 -20.51 -8.46
CA ALA B 101 25.19 -19.20 -8.18
C ALA B 101 24.74 -18.49 -9.46
N LEU B 102 25.55 -18.56 -10.50
CA LEU B 102 25.22 -17.85 -11.74
C LEU B 102 24.02 -18.46 -12.46
N PHE B 103 23.70 -19.72 -12.17
CA PHE B 103 22.62 -20.39 -12.89
C PHE B 103 21.28 -19.69 -12.66
N GLY B 104 20.97 -19.37 -11.41
CA GLY B 104 19.69 -18.76 -11.11
C GLY B 104 19.51 -17.39 -11.74
N LYS B 105 20.59 -16.63 -11.85
CA LYS B 105 20.54 -15.29 -12.41
C LYS B 105 20.75 -15.25 -13.92
N ILE B 106 21.16 -16.36 -14.53
CA ILE B 106 21.26 -16.45 -15.97
C ILE B 106 20.02 -17.09 -16.59
N PHE B 107 19.52 -18.16 -15.98
CA PHE B 107 18.37 -18.86 -16.55
C PHE B 107 17.13 -17.99 -16.58
N ARG B 108 17.06 -16.93 -15.78
CA ARG B 108 15.92 -16.03 -15.86
C ARG B 108 15.83 -15.36 -17.22
N LYS B 109 16.92 -14.73 -17.66
CA LYS B 109 16.91 -14.12 -18.98
C LYS B 109 16.94 -15.17 -20.08
N TYR B 110 17.53 -16.34 -19.81
CA TYR B 110 17.43 -17.45 -20.75
C TYR B 110 15.97 -17.80 -21.04
N LEU B 111 15.18 -17.93 -19.97
CA LEU B 111 13.78 -18.27 -20.11
C LEU B 111 13.00 -17.15 -20.79
N LEU B 112 13.33 -15.89 -20.46
CA LEU B 112 12.64 -14.79 -21.13
C LEU B 112 12.94 -14.78 -22.63
N ASP B 113 14.20 -15.00 -23.01
CA ASP B 113 14.55 -15.00 -24.42
C ASP B 113 14.00 -16.21 -25.17
N ILE B 114 13.81 -17.35 -24.49
CA ILE B 114 13.19 -18.48 -25.17
C ILE B 114 11.67 -18.37 -25.20
N LEU B 115 11.07 -17.62 -24.27
CA LEU B 115 9.64 -17.35 -24.35
C LEU B 115 9.32 -16.23 -25.32
N SER B 116 10.31 -15.41 -25.69
CA SER B 116 10.12 -14.36 -26.68
C SER B 116 10.18 -14.87 -28.11
N GLU B 117 10.03 -16.17 -28.32
CA GLU B 117 10.08 -16.76 -29.66
C GLU B 117 8.73 -17.30 -30.13
N ASN B 118 8.10 -18.16 -29.33
CA ASN B 118 6.84 -18.78 -29.73
C ASN B 118 5.67 -17.95 -29.20
N ILE B 119 5.14 -17.09 -30.06
CA ILE B 119 3.98 -16.28 -29.76
C ILE B 119 2.98 -16.41 -30.91
N ALA B 120 1.70 -16.42 -30.58
CA ALA B 120 0.67 -16.67 -31.57
C ALA B 120 0.57 -15.51 -32.57
N THR B 121 -0.32 -15.68 -33.55
CA THR B 121 -0.50 -14.66 -34.58
C THR B 121 -1.02 -13.32 -34.04
N PRO B 122 -2.06 -13.27 -33.19
CA PRO B 122 -2.61 -11.94 -32.86
C PRO B 122 -1.67 -11.08 -32.05
N TRP B 123 -1.00 -11.65 -31.06
CA TRP B 123 -0.17 -10.87 -30.16
C TRP B 123 1.09 -10.37 -30.86
N GLN B 124 1.64 -9.28 -30.34
CA GLN B 124 2.87 -8.69 -30.87
C GLN B 124 3.72 -8.25 -29.68
N LEU B 125 4.89 -8.87 -29.51
CA LEU B 125 5.78 -8.45 -28.44
C LEU B 125 6.25 -7.03 -28.70
N LYS B 126 6.19 -6.20 -27.66
CA LYS B 126 6.54 -4.78 -27.78
C LYS B 126 7.99 -4.52 -27.38
N GLU B 127 8.35 -4.86 -26.14
CA GLU B 127 9.69 -4.63 -25.64
C GLU B 127 10.12 -5.84 -24.83
N LEU B 128 11.43 -6.05 -24.75
CA LEU B 128 11.99 -7.16 -24.01
C LEU B 128 13.13 -6.64 -23.13
N GLY B 129 13.37 -7.34 -22.02
CA GLY B 129 14.30 -6.89 -21.02
C GLY B 129 14.02 -7.53 -19.67
N SER B 130 13.88 -6.69 -18.63
CA SER B 130 13.52 -7.21 -17.32
C SER B 130 12.19 -7.96 -17.37
N THR B 131 11.29 -7.56 -18.26
CA THR B 131 10.05 -8.26 -18.49
C THR B 131 9.79 -8.32 -19.99
N LEU B 132 8.72 -8.99 -20.38
CA LEU B 132 8.32 -9.13 -21.77
C LEU B 132 6.96 -8.48 -21.98
N ARG B 133 6.85 -7.65 -23.01
CA ARG B 133 5.66 -6.84 -23.26
C ARG B 133 4.84 -7.50 -24.38
N LEU B 134 3.83 -8.27 -23.99
CA LEU B 134 2.94 -8.92 -24.95
C LEU B 134 1.62 -8.16 -25.02
N VAL B 135 1.31 -7.61 -26.19
CA VAL B 135 0.10 -6.83 -26.39
C VAL B 135 -0.78 -7.55 -27.42
N LYS B 136 -2.05 -7.15 -27.47
CA LYS B 136 -2.99 -7.74 -28.42
C LYS B 136 -4.17 -6.80 -28.58
N GLU B 137 -4.45 -6.39 -29.81
CA GLU B 137 -5.59 -5.52 -30.07
C GLU B 137 -6.90 -6.22 -29.69
N ILE B 138 -7.78 -5.48 -29.03
CA ILE B 138 -9.04 -6.03 -28.54
C ILE B 138 -10.12 -5.78 -29.57
N THR B 139 -10.91 -6.82 -29.85
CA THR B 139 -12.06 -6.73 -30.75
C THR B 139 -13.18 -7.55 -30.10
N GLU B 140 -14.00 -6.88 -29.29
CA GLU B 140 -15.07 -7.56 -28.56
C GLU B 140 -16.39 -6.80 -28.64
N ASN B 141 -16.57 -5.96 -29.67
CA ASN B 141 -17.83 -5.25 -29.91
C ASN B 141 -18.25 -4.41 -28.70
N TYR B 142 -17.28 -3.85 -27.99
CA TYR B 142 -17.59 -2.95 -26.88
C TYR B 142 -18.18 -1.65 -27.41
N GLU B 143 -19.04 -1.05 -26.60
CA GLU B 143 -19.74 0.17 -27.02
C GLU B 143 -18.75 1.25 -27.39
N PHE B 144 -19.02 1.92 -28.52
CA PHE B 144 -18.16 2.98 -29.04
C PHE B 144 -16.74 2.47 -29.27
N SER B 145 -16.64 1.34 -29.98
CA SER B 145 -15.33 0.80 -30.34
C SER B 145 -14.69 1.57 -31.48
N ASN B 146 -15.49 2.20 -32.34
CA ASN B 146 -14.95 2.89 -33.51
C ASN B 146 -14.22 4.18 -33.16
N ILE B 147 -14.28 4.62 -31.91
CA ILE B 147 -13.65 5.88 -31.51
C ILE B 147 -12.38 5.65 -30.70
N ILE B 148 -12.38 4.67 -29.80
CA ILE B 148 -11.23 4.37 -28.95
C ILE B 148 -10.97 2.88 -28.99
N LYS B 149 -9.72 2.49 -29.20
CA LYS B 149 -9.37 1.08 -29.24
C LYS B 149 -8.68 0.67 -27.95
N LEU B 150 -9.11 -0.48 -27.42
CA LEU B 150 -8.55 -1.05 -26.20
C LEU B 150 -7.51 -2.09 -26.58
N GLN B 151 -6.50 -2.25 -25.72
CA GLN B 151 -5.34 -3.07 -26.03
C GLN B 151 -4.89 -3.82 -24.78
N TYR B 152 -5.19 -5.13 -24.74
CA TYR B 152 -4.57 -5.99 -23.73
C TYR B 152 -3.06 -5.89 -23.83
N GLU B 153 -2.40 -5.76 -22.68
CA GLU B 153 -0.95 -5.82 -22.60
C GLU B 153 -0.56 -6.77 -21.46
N LEU B 154 0.31 -7.72 -21.77
CA LEU B 154 0.69 -8.77 -20.84
C LEU B 154 2.10 -8.49 -20.31
N ILE B 155 2.25 -8.55 -19.00
CA ILE B 155 3.53 -8.31 -18.33
C ILE B 155 4.12 -9.67 -17.95
N ILE B 156 5.02 -10.18 -18.77
CA ILE B 156 5.63 -11.49 -18.55
C ILE B 156 6.79 -11.32 -17.58
N ASN B 157 6.68 -11.96 -16.42
CA ASN B 157 7.72 -11.95 -15.42
C ASN B 157 8.03 -13.39 -15.02
N VAL B 158 9.00 -13.55 -14.13
CA VAL B 158 9.46 -14.87 -13.70
C VAL B 158 10.15 -14.76 -12.35
N HIS B 159 9.85 -15.71 -11.46
CA HIS B 159 10.30 -15.69 -10.08
C HIS B 159 10.90 -17.03 -9.72
N HIS B 160 12.02 -17.00 -9.01
CA HIS B 160 12.72 -18.20 -8.57
C HIS B 160 12.85 -18.18 -7.06
N TRP B 161 12.64 -19.34 -6.43
CA TRP B 161 12.68 -19.46 -4.99
C TRP B 161 13.17 -20.85 -4.64
N GLN B 162 13.97 -20.96 -3.59
CA GLN B 162 14.58 -22.18 -3.07
C GLN B 162 15.65 -22.73 -4.01
N ASN B 163 15.97 -22.02 -5.11
CA ASN B 163 17.01 -22.35 -6.08
C ASN B 163 16.75 -23.64 -6.85
N THR B 164 15.64 -24.33 -6.59
CA THR B 164 15.31 -25.56 -7.29
C THR B 164 13.95 -25.54 -7.98
N ASN B 165 13.23 -24.43 -7.94
CA ASN B 165 11.95 -24.29 -8.59
C ASN B 165 11.88 -22.95 -9.31
N PHE B 166 11.02 -22.88 -10.32
CA PHE B 166 10.89 -21.68 -11.13
C PHE B 166 9.43 -21.45 -11.48
N GLY B 167 9.20 -20.46 -12.32
CA GLY B 167 7.84 -20.15 -12.77
C GLY B 167 7.75 -18.73 -13.28
N ILE B 168 6.86 -18.54 -14.25
CA ILE B 168 6.68 -17.26 -14.94
C ILE B 168 5.48 -16.55 -14.35
N ILE B 169 5.54 -15.21 -14.35
CA ILE B 169 4.48 -14.37 -13.81
C ILE B 169 3.90 -13.53 -14.94
N VAL B 170 2.60 -13.24 -14.85
CA VAL B 170 1.90 -12.43 -15.85
C VAL B 170 1.12 -11.33 -15.16
N ASP B 171 1.12 -10.14 -15.75
CA ASP B 171 0.32 -9.02 -15.26
C ASP B 171 -0.28 -8.31 -16.46
N LEU B 172 -1.52 -7.84 -16.32
CA LEU B 172 -2.23 -7.21 -17.41
C LEU B 172 -2.31 -5.70 -17.21
N LYS B 173 -2.36 -4.97 -18.32
CA LYS B 173 -2.50 -3.52 -18.28
C LYS B 173 -3.11 -3.06 -19.59
N ILE B 174 -4.43 -2.79 -19.58
CA ILE B 174 -5.08 -2.29 -20.78
C ILE B 174 -4.56 -0.89 -21.12
N ASN B 175 -4.36 -0.65 -22.42
CA ASN B 175 -3.89 0.64 -22.90
C ASN B 175 -5.02 1.35 -23.64
N ILE B 176 -5.30 2.58 -23.24
CA ILE B 176 -6.33 3.41 -23.87
C ILE B 176 -5.69 4.00 -25.12
N LEU B 177 -6.30 3.73 -26.27
CA LEU B 177 -5.81 4.19 -27.56
C LEU B 177 -6.97 4.63 -28.44
N ASP B 178 -6.93 5.89 -28.87
CA ASP B 178 -7.90 6.37 -29.85
C ASP B 178 -7.63 5.71 -31.20
N ARG B 179 -8.58 4.91 -31.67
CA ARG B 179 -8.35 4.06 -32.83
C ARG B 179 -7.91 4.86 -34.05
N GLU B 180 -8.43 6.08 -34.23
CA GLU B 180 -8.07 6.85 -35.41
C GLU B 180 -6.66 7.41 -35.30
N ASN B 181 -6.17 7.59 -34.08
CA ASN B 181 -4.85 8.19 -33.86
C ASN B 181 -3.87 7.23 -33.21
N ASN B 182 -4.31 6.31 -32.34
CA ASN B 182 -3.44 5.34 -31.68
C ASN B 182 -2.43 6.04 -30.77
N GLN B 183 -2.95 6.85 -29.84
CA GLN B 183 -2.12 7.54 -28.86
C GLN B 183 -2.68 7.28 -27.47
N ARG B 184 -1.89 7.60 -26.45
CA ARG B 184 -2.23 7.22 -25.08
C ARG B 184 -2.97 8.37 -24.41
N ILE B 185 -4.25 8.15 -24.08
CA ILE B 185 -5.09 9.18 -23.50
C ILE B 185 -5.76 8.63 -22.25
N SER B 186 -6.15 9.49 -21.30
CA SER B 186 -6.74 8.98 -20.03
C SER B 186 -8.24 9.31 -20.00
N TYR B 187 -9.00 8.75 -19.05
CA TYR B 187 -10.48 8.99 -19.05
C TYR B 187 -10.75 10.48 -18.85
N THR B 188 -10.01 11.10 -17.94
CA THR B 188 -10.15 12.56 -17.72
C THR B 188 -9.72 13.29 -18.99
N LYS B 189 -8.69 12.79 -19.68
CA LYS B 189 -8.18 13.47 -20.89
C LYS B 189 -9.27 13.51 -21.96
N ILE B 190 -10.11 12.48 -22.08
CA ILE B 190 -11.20 12.61 -23.10
C ILE B 190 -12.17 13.72 -22.65
N LYS B 191 -12.70 13.68 -21.42
CA LYS B 191 -13.69 14.69 -20.92
C LYS B 191 -14.82 14.86 -21.95
N ASP B 192 -15.15 16.11 -22.29
CA ASP B 192 -16.24 16.39 -23.28
C ASP B 192 -15.75 15.98 -24.68
N LYS B 193 -14.45 16.11 -24.95
CA LYS B 193 -13.88 15.67 -26.26
C LYS B 193 -14.05 14.16 -26.38
N TYR B 194 -14.19 13.66 -27.61
CA TYR B 194 -14.44 12.21 -27.83
C TYR B 194 -15.70 11.80 -27.08
N GLY B 195 -16.51 12.76 -26.60
CA GLY B 195 -17.77 12.39 -25.98
C GLY B 195 -17.76 12.35 -24.47
N GLU B 196 -18.56 13.22 -23.85
CA GLU B 196 -18.63 13.24 -22.39
C GLU B 196 -19.25 11.96 -21.84
N SER B 197 -20.31 11.46 -22.49
CA SER B 197 -20.92 10.21 -22.07
C SER B 197 -20.06 9.00 -22.43
N VAL B 198 -19.01 9.21 -23.23
CA VAL B 198 -18.13 8.10 -23.59
C VAL B 198 -17.15 7.79 -22.46
N LYS B 199 -16.95 8.71 -21.51
CA LYS B 199 -16.22 8.37 -20.30
C LYS B 199 -16.89 7.21 -19.58
N LYS B 200 -18.22 7.21 -19.56
CA LYS B 200 -18.95 6.07 -18.99
C LYS B 200 -18.91 4.88 -19.93
N LYS B 201 -18.37 5.05 -21.12
CA LYS B 201 -18.41 3.98 -22.11
C LYS B 201 -17.10 3.19 -22.14
N ILE B 202 -15.96 3.87 -22.28
CA ILE B 202 -14.70 3.14 -22.25
C ILE B 202 -14.41 2.63 -20.84
N TRP B 203 -14.65 3.46 -19.83
CA TRP B 203 -14.31 3.10 -18.46
C TRP B 203 -15.06 1.84 -18.03
N VAL B 204 -16.36 1.79 -18.29
CA VAL B 204 -17.11 0.57 -18.01
C VAL B 204 -16.57 -0.58 -18.83
N SER B 205 -16.29 -0.34 -20.10
CA SER B 205 -15.71 -1.38 -20.96
C SER B 205 -14.32 -1.78 -20.47
N VAL B 206 -13.53 -0.81 -20.01
CA VAL B 206 -12.19 -1.13 -19.52
C VAL B 206 -12.25 -2.04 -18.32
N GLN B 207 -13.10 -1.69 -17.34
CA GLN B 207 -13.20 -2.52 -16.15
C GLN B 207 -13.91 -3.84 -16.43
N ALA B 208 -14.66 -3.89 -17.54
CA ALA B 208 -15.29 -5.17 -17.92
C ALA B 208 -14.28 -6.11 -18.56
N PHE B 209 -13.50 -5.61 -19.52
CA PHE B 209 -12.45 -6.41 -20.13
C PHE B 209 -11.41 -6.82 -19.10
N HIS B 210 -11.06 -5.88 -18.22
CA HIS B 210 -10.12 -6.17 -17.14
C HIS B 210 -10.72 -7.08 -16.10
N ARG B 211 -12.02 -7.36 -16.18
CA ARG B 211 -12.79 -8.23 -15.30
C ARG B 211 -12.91 -7.66 -13.89
N HIS B 212 -12.86 -6.33 -13.73
CA HIS B 212 -13.03 -5.74 -12.41
C HIS B 212 -14.49 -5.36 -12.17
N LEU B 213 -15.18 -4.91 -13.21
CA LEU B 213 -16.58 -4.48 -13.09
C LEU B 213 -17.39 -5.11 -14.22
N THR B 214 -18.71 -5.00 -14.10
CA THR B 214 -19.64 -5.56 -15.08
C THR B 214 -19.54 -4.81 -16.39
N PRO B 215 -20.00 -5.41 -17.48
CA PRO B 215 -20.06 -4.69 -18.77
C PRO B 215 -21.03 -3.53 -18.78
N GLU B 216 -21.82 -3.32 -17.73
CA GLU B 216 -22.78 -2.22 -17.68
C GLU B 216 -22.32 -1.05 -16.82
N GLY B 217 -21.49 -1.30 -15.79
CA GLY B 217 -20.99 -0.26 -14.93
C GLY B 217 -20.96 -0.60 -13.46
N LYS B 218 -21.85 -1.49 -13.01
CA LYS B 218 -21.91 -1.88 -11.60
C LYS B 218 -20.80 -2.87 -11.31
N LYS B 219 -20.87 -3.52 -10.15
CA LYS B 219 -19.87 -4.49 -9.72
C LYS B 219 -20.51 -5.85 -9.50
N TYR B 220 -19.74 -6.90 -9.78
CA TYR B 220 -20.23 -8.26 -9.71
C TYR B 220 -19.37 -9.05 -8.72
N ALA B 221 -19.72 -10.33 -8.58
CA ALA B 221 -19.11 -11.14 -7.53
C ALA B 221 -17.75 -11.70 -7.94
N THR B 222 -17.72 -12.53 -8.99
CA THR B 222 -16.51 -13.25 -9.35
C THR B 222 -15.53 -12.37 -10.11
N ALA B 223 -15.17 -11.23 -9.53
CA ALA B 223 -14.19 -10.35 -10.17
C ALA B 223 -12.79 -10.93 -10.06
N MET B 224 -12.44 -11.49 -8.90
CA MET B 224 -11.09 -12.01 -8.70
C MET B 224 -10.82 -13.22 -9.57
N ARG B 225 -11.77 -14.16 -9.63
CA ARG B 225 -11.57 -15.38 -10.39
C ARG B 225 -11.40 -15.07 -11.88
N ASP B 226 -12.26 -14.20 -12.41
CA ASP B 226 -12.13 -13.77 -13.80
C ASP B 226 -10.91 -12.91 -14.04
N LYS B 227 -10.36 -12.28 -13.00
CA LYS B 227 -9.15 -11.49 -13.18
C LYS B 227 -7.97 -12.36 -13.60
N PHE B 228 -7.98 -13.63 -13.21
CA PHE B 228 -6.89 -14.54 -13.56
C PHE B 228 -7.26 -15.58 -14.61
N ASN B 229 -8.54 -15.95 -14.73
CA ASN B 229 -8.92 -16.75 -15.88
C ASN B 229 -8.56 -16.02 -17.16
N LEU B 230 -8.73 -14.71 -17.18
CA LEU B 230 -8.33 -13.92 -18.33
C LEU B 230 -6.83 -14.00 -18.57
N LEU B 231 -6.02 -13.91 -17.51
CA LEU B 231 -4.57 -13.94 -17.68
C LEU B 231 -4.11 -15.30 -18.20
N THR B 232 -4.62 -16.39 -17.61
CA THR B 232 -4.25 -17.72 -18.06
C THR B 232 -4.66 -17.94 -19.52
N GLY B 233 -5.90 -17.59 -19.86
CA GLY B 233 -6.35 -17.76 -21.24
C GLY B 233 -5.56 -16.91 -22.21
N LEU B 234 -5.27 -15.67 -21.83
CA LEU B 234 -4.52 -14.77 -22.71
C LEU B 234 -3.12 -15.32 -22.96
N LEU B 235 -2.45 -15.81 -21.93
CA LEU B 235 -1.14 -16.40 -22.15
C LEU B 235 -1.25 -17.64 -23.03
N LYS B 236 -2.27 -18.47 -22.78
CA LYS B 236 -2.42 -19.71 -23.54
C LYS B 236 -2.61 -19.43 -25.02
N GLU B 237 -3.44 -18.46 -25.38
CA GLU B 237 -3.63 -18.12 -26.78
C GLU B 237 -2.62 -17.08 -27.26
N ALA B 238 -1.71 -16.65 -26.40
CA ALA B 238 -0.64 -15.74 -26.80
C ALA B 238 0.61 -16.50 -27.24
N PHE B 239 1.01 -17.49 -26.46
CA PHE B 239 2.19 -18.28 -26.83
C PHE B 239 1.90 -19.31 -27.90
N GLY B 240 0.74 -19.23 -28.57
CA GLY B 240 0.41 -20.16 -29.63
C GLY B 240 0.25 -21.59 -29.20
N SER B 241 -0.27 -21.83 -28.00
CA SER B 241 -0.49 -23.18 -27.49
C SER B 241 -1.82 -23.22 -26.76
N SER B 242 -2.88 -23.59 -27.47
CA SER B 242 -4.18 -23.78 -26.84
C SER B 242 -4.18 -24.96 -25.86
N GLU B 243 -3.20 -25.84 -25.95
CA GLU B 243 -3.05 -26.94 -25.02
C GLU B 243 -2.54 -26.42 -23.67
N ASP B 244 -2.58 -27.29 -22.66
CA ASP B 244 -2.22 -26.88 -21.31
C ASP B 244 -0.78 -26.42 -21.22
N GLU B 245 0.14 -27.14 -21.86
CA GLU B 245 1.57 -26.84 -21.76
C GLU B 245 2.18 -26.75 -23.15
N LYS B 246 3.16 -25.87 -23.31
CA LYS B 246 3.91 -25.72 -24.54
C LYS B 246 5.36 -26.14 -24.30
N THR B 247 5.83 -27.09 -25.10
CA THR B 247 7.19 -27.62 -24.96
C THR B 247 8.11 -26.82 -25.87
N PHE B 248 8.58 -25.68 -25.35
CA PHE B 248 9.53 -24.88 -26.11
C PHE B 248 10.85 -25.64 -26.27
N SER B 249 11.53 -25.38 -27.38
CA SER B 249 12.80 -26.02 -27.69
C SER B 249 13.93 -25.02 -27.48
N THR B 250 14.88 -25.38 -26.62
CA THR B 250 16.04 -24.56 -26.32
C THR B 250 17.29 -25.19 -26.92
N PRO B 251 18.35 -24.40 -27.12
CA PRO B 251 19.62 -25.00 -27.55
C PRO B 251 20.17 -26.03 -26.57
N ASP B 252 19.70 -26.03 -25.32
CA ASP B 252 20.14 -26.98 -24.31
C ASP B 252 19.17 -28.16 -24.18
N GLY B 253 17.91 -27.88 -23.89
CA GLY B 253 16.92 -28.92 -23.69
C GLY B 253 15.53 -28.44 -24.01
N GLU B 254 14.55 -28.96 -23.28
CA GLU B 254 13.14 -28.62 -23.49
C GLU B 254 12.59 -27.91 -22.27
N ILE B 255 11.89 -26.80 -22.50
CA ILE B 255 11.27 -26.02 -21.43
C ILE B 255 9.76 -26.20 -21.53
N LYS B 256 9.13 -26.53 -20.41
CA LYS B 256 7.69 -26.74 -20.36
C LYS B 256 7.09 -25.87 -19.27
N ILE B 257 6.03 -25.15 -19.60
CA ILE B 257 5.33 -24.28 -18.68
C ILE B 257 3.93 -24.85 -18.44
N VAL B 258 3.57 -25.05 -17.17
CA VAL B 258 2.26 -25.59 -16.85
C VAL B 258 1.14 -24.63 -17.23
N PHE B 259 1.45 -23.34 -17.40
CA PHE B 259 0.47 -22.32 -17.81
C PHE B 259 -0.66 -22.19 -16.79
N LYS B 260 -0.47 -22.73 -15.60
CA LYS B 260 -1.47 -22.64 -14.55
C LYS B 260 -0.88 -21.94 -13.33
N PRO B 261 -1.69 -21.18 -12.59
CA PRO B 261 -1.15 -20.42 -11.46
C PRO B 261 -0.54 -21.32 -10.40
N LEU B 262 0.56 -20.84 -9.80
CA LEU B 262 1.32 -21.61 -8.82
C LEU B 262 0.52 -21.76 -7.54
N GLU B 263 0.01 -22.95 -7.28
CA GLU B 263 -0.69 -23.21 -6.03
C GLU B 263 0.26 -23.05 -4.86
N ILE B 264 -0.21 -22.38 -3.81
CA ILE B 264 0.54 -22.20 -2.57
C ILE B 264 -0.05 -23.12 -1.53
N VAL B 265 0.79 -23.94 -0.93
CA VAL B 265 0.34 -24.94 0.05
C VAL B 265 -0.03 -24.23 1.34
N GLU B 266 -0.96 -24.83 2.09
CA GLU B 266 -1.43 -24.28 3.36
C GLU B 266 -0.65 -24.93 4.51
N VAL B 267 0.66 -24.72 4.51
CA VAL B 267 1.55 -25.23 5.54
C VAL B 267 1.69 -24.16 6.61
N SER B 268 1.46 -24.55 7.87
CA SER B 268 1.47 -23.58 8.97
C SER B 268 2.81 -23.54 9.67
N ASN B 269 3.43 -24.70 9.89
CA ASN B 269 4.70 -24.81 10.61
C ASN B 269 4.63 -24.17 12.00
#